data_6JZ8
#
_entry.id   6JZ8
#
_cell.length_a   162.560
_cell.length_b   103.345
_cell.length_c   112.281
_cell.angle_alpha   90.000
_cell.angle_beta   130.990
_cell.angle_gamma   90.000
#
_symmetry.space_group_name_H-M   'C 1 2 1'
#
loop_
_entity.id
_entity.type
_entity.pdbx_description
1 polymer Beta-glucuronidase
2 non-polymer '(2S,3S,4S,5R)-3,4,5-trihydroxy-6-oxo-oxane-2-carboxylic acid'
3 water water
#
_entity_poly.entity_id   1
_entity_poly.type   'polypeptide(L)'
_entity_poly.pdbx_seq_one_letter_code
;MLEYSELYPIQNEYRMMQSLDGMWKFQFDPEEIGKKSGWENGLPAPVSMPVPSSFADFFTDHKERDYCGDFWYETEFYLP
AEWRNKKIWLRFGSITHRGTVYCNGMEITSHEGGFLPVLADISTVAKPGQVNQVVVKINNELNETSLPCGATKILNNGRK
LAKPYFDFFNYSGLQRSVWVIALPEESVKDYSVDYELCGTDALVKYEVVTTGEHPVIVRLLDAEGELVAETEGKEGILQV
ANARLWEVRNAYLYQIVILITDGNGVLDEYREKIGIRTVRIEGTKILLNDRPVYLKGFGKHEDFPILGRGFHWGIVKRDF
ECLKWTNANCFRTSHYPYAEEWYQFADEEGFLIIDEVPAVGMMRSTRNFVAAGSGNYTYFFEALTVPELLKSHIADTEEM
ITRDKNHPSVIAWSLFNEPETITDYAYEYFKEVFAAAETYDFQSRPMTGAFEKNSKPELCKCYPLCDFICLNRYYGWYIS
GGPEIEEAEELFRDEMDRWKAKELNVPFVFTEFGTDTMAGLHKLPSIMWSEEYQKEYLEMNFRVFDSYEFVQGELAWNFA
DFQTTEGIMRVDGNHKGVFTRDRQPKAAAVVFKDRWEKKNELF
;
_entity_poly.pdbx_strand_id   A,B
#
# COMPACT_ATOMS: atom_id res chain seq x y z
N LEU A 2 -25.28 -3.77 -19.54
CA LEU A 2 -23.98 -3.11 -19.54
C LEU A 2 -23.20 -3.46 -20.79
N GLU A 3 -22.53 -2.46 -21.37
CA GLU A 3 -21.72 -2.65 -22.57
C GLU A 3 -20.31 -3.15 -22.26
N TYR A 4 -20.14 -3.78 -21.10
CA TYR A 4 -18.83 -4.29 -20.73
C TYR A 4 -19.03 -5.34 -19.65
N SER A 5 -17.96 -6.05 -19.33
CA SER A 5 -17.98 -7.07 -18.26
C SER A 5 -17.51 -6.50 -16.93
N GLU A 6 -18.19 -6.87 -15.84
CA GLU A 6 -17.74 -6.54 -14.48
C GLU A 6 -16.81 -7.59 -13.90
N LEU A 7 -16.58 -8.68 -14.62
CA LEU A 7 -15.87 -9.83 -14.04
C LEU A 7 -14.44 -9.47 -13.65
N TYR A 8 -14.02 -9.94 -12.49
CA TYR A 8 -12.68 -9.65 -12.02
C TYR A 8 -11.65 -10.28 -12.97
N PRO A 9 -10.56 -9.56 -13.26
CA PRO A 9 -9.64 -10.09 -14.28
C PRO A 9 -8.82 -11.26 -13.77
N ILE A 10 -8.59 -12.24 -14.64
CA ILE A 10 -7.77 -13.40 -14.32
C ILE A 10 -6.77 -13.64 -15.45
N GLN A 11 -5.79 -14.45 -15.17
CA GLN A 11 -4.75 -14.79 -16.12
C GLN A 11 -4.72 -16.29 -16.39
N ASN A 12 -4.88 -16.65 -17.65
CA ASN A 12 -4.84 -18.04 -18.03
C ASN A 12 -4.52 -18.11 -19.51
N GLU A 13 -4.73 -19.28 -20.11
CA GLU A 13 -4.35 -19.44 -21.50
C GLU A 13 -5.08 -18.49 -22.47
N TYR A 14 -6.27 -18.04 -22.07
CA TYR A 14 -7.15 -17.27 -22.93
C TYR A 14 -7.20 -15.78 -22.59
N ARG A 15 -6.90 -15.47 -21.32
CA ARG A 15 -7.05 -14.14 -20.77
C ARG A 15 -5.75 -13.64 -20.20
N MET A 16 -5.34 -12.44 -20.58
CA MET A 16 -4.09 -11.89 -20.06
C MET A 16 -4.35 -10.63 -19.26
N MET A 17 -3.45 -10.35 -18.34
CA MET A 17 -3.52 -9.10 -17.57
C MET A 17 -2.16 -8.57 -17.21
N GLN A 18 -2.09 -7.24 -17.13
CA GLN A 18 -0.86 -6.57 -16.76
C GLN A 18 -1.26 -5.41 -15.84
N SER A 19 -0.65 -5.34 -14.67
CA SER A 19 -0.97 -4.27 -13.72
C SER A 19 -0.38 -2.96 -14.18
N LEU A 20 -1.17 -1.88 -14.08
CA LEU A 20 -0.67 -0.55 -14.33
C LEU A 20 -0.46 0.23 -13.03
N ASP A 21 -0.54 -0.45 -11.89
CA ASP A 21 -0.28 0.21 -10.59
C ASP A 21 1.17 0.73 -10.53
N GLY A 22 1.39 1.81 -9.81
CA GLY A 22 2.74 2.33 -9.63
C GLY A 22 2.64 3.84 -9.54
N MET A 23 3.68 4.51 -10.01
CA MET A 23 3.72 5.98 -10.02
C MET A 23 3.28 6.47 -11.36
N TRP A 24 2.16 7.18 -11.38
CA TRP A 24 1.67 7.80 -12.60
C TRP A 24 2.08 9.27 -12.66
N LYS A 25 1.88 9.89 -13.82
CA LYS A 25 1.99 11.34 -13.92
C LYS A 25 0.63 11.96 -13.59
N PHE A 26 0.64 13.17 -13.01
CA PHE A 26 -0.56 13.80 -12.45
C PHE A 26 -0.46 15.30 -12.61
N GLN A 27 -1.57 15.94 -13.01
CA GLN A 27 -1.61 17.40 -13.06
C GLN A 27 -2.98 17.97 -12.75
N PHE A 28 -3.02 18.91 -11.81
CA PHE A 28 -4.25 19.64 -11.54
C PHE A 28 -4.60 20.56 -12.72
N ASP A 29 -5.89 20.78 -12.94
CA ASP A 29 -6.34 21.62 -14.08
C ASP A 29 -7.36 22.66 -13.61
N PRO A 30 -6.93 23.60 -12.76
CA PRO A 30 -7.86 24.56 -12.18
C PRO A 30 -8.53 25.47 -13.20
N GLU A 31 -7.84 25.75 -14.29
CA GLU A 31 -8.39 26.63 -15.34
C GLU A 31 -9.22 25.87 -16.38
N GLU A 32 -9.30 24.55 -16.25
CA GLU A 32 -10.10 23.73 -17.17
C GLU A 32 -9.63 23.93 -18.60
N ILE A 33 -8.32 23.81 -18.81
CA ILE A 33 -7.73 23.98 -20.12
C ILE A 33 -7.15 22.70 -20.72
N GLY A 34 -7.22 21.58 -20.00
CA GLY A 34 -6.53 20.38 -20.48
C GLY A 34 -6.90 19.91 -21.87
N LYS A 35 -8.19 19.79 -22.14
CA LYS A 35 -8.59 19.18 -23.38
C LYS A 35 -8.30 20.14 -24.54
N LYS A 36 -8.53 21.44 -24.32
CA LYS A 36 -8.24 22.39 -25.42
C LYS A 36 -6.72 22.58 -25.60
N SER A 37 -5.94 22.08 -24.64
CA SER A 37 -4.48 22.17 -24.71
C SER A 37 -3.80 20.86 -25.11
N GLY A 38 -4.60 19.85 -25.44
CA GLY A 38 -4.08 18.56 -25.89
C GLY A 38 -3.47 17.68 -24.79
N TRP A 39 -3.92 17.85 -23.56
CA TRP A 39 -3.35 17.04 -22.46
C TRP A 39 -3.63 15.56 -22.63
N GLU A 40 -4.63 15.19 -23.43
CA GLU A 40 -4.88 13.77 -23.65
C GLU A 40 -3.73 13.10 -24.42
N ASN A 41 -2.82 13.91 -24.97
CA ASN A 41 -1.62 13.40 -25.63
C ASN A 41 -0.39 13.43 -24.72
N GLY A 42 -0.60 13.84 -23.47
CA GLY A 42 0.49 13.91 -22.52
C GLY A 42 0.39 15.18 -21.68
N LEU A 43 0.60 15.04 -20.37
CA LEU A 43 0.52 16.18 -19.47
C LEU A 43 1.77 17.05 -19.59
N PRO A 44 1.60 18.38 -19.64
CA PRO A 44 2.74 19.26 -19.91
C PRO A 44 3.70 19.47 -18.75
N ALA A 45 3.20 19.45 -17.51
CA ALA A 45 4.07 19.71 -16.35
C ALA A 45 3.63 18.90 -15.15
N PRO A 46 3.70 17.57 -15.27
CA PRO A 46 3.11 16.71 -14.23
C PRO A 46 4.02 16.52 -13.02
N VAL A 47 3.39 16.10 -11.94
CA VAL A 47 4.12 15.55 -10.80
C VAL A 47 3.84 14.06 -10.74
N SER A 48 4.52 13.33 -9.85
CA SER A 48 4.27 11.89 -9.72
C SER A 48 3.11 11.64 -8.75
N MET A 49 2.27 10.66 -9.04
CA MET A 49 1.18 10.29 -8.12
C MET A 49 1.03 8.78 -7.99
N PRO A 50 1.05 8.25 -6.76
CA PRO A 50 0.84 6.80 -6.60
C PRO A 50 -0.57 6.34 -7.00
N VAL A 51 -0.63 5.16 -7.59
CA VAL A 51 -1.87 4.50 -7.96
C VAL A 51 -1.72 3.06 -7.53
N PRO A 52 -2.63 2.55 -6.70
CA PRO A 52 -3.85 3.14 -6.18
C PRO A 52 -3.58 4.03 -4.98
N SER A 53 -4.28 5.16 -4.91
CA SER A 53 -4.27 6.03 -3.74
C SER A 53 -5.24 7.18 -3.96
N SER A 54 -5.68 7.78 -2.87
CA SER A 54 -6.32 9.11 -2.98
C SER A 54 -5.21 10.14 -3.07
N PHE A 55 -5.40 11.20 -3.84
CA PHE A 55 -4.28 12.14 -3.97
C PHE A 55 -4.11 13.10 -2.77
N ALA A 56 -5.18 13.30 -2.00
CA ALA A 56 -5.23 14.48 -1.13
C ALA A 56 -4.13 14.58 -0.08
N ASP A 57 -3.83 13.47 0.61
CA ASP A 57 -3.04 13.61 1.83
C ASP A 57 -1.53 13.51 1.60
N PHE A 58 -1.12 13.40 0.35
CA PHE A 58 0.32 13.49 0.08
C PHE A 58 0.88 14.88 0.26
N PHE A 59 0.09 15.89 -0.12
CA PHE A 59 0.63 17.24 -0.27
C PHE A 59 0.82 17.95 1.07
N THR A 60 1.65 18.98 1.08
CA THR A 60 1.86 19.74 2.33
C THR A 60 1.15 21.09 2.32
N ASP A 61 0.41 21.40 1.25
CA ASP A 61 -0.29 22.68 1.18
C ASP A 61 -1.79 22.48 1.07
N HIS A 62 -2.54 23.40 1.65
CA HIS A 62 -4.01 23.27 1.69
C HIS A 62 -4.64 23.17 0.32
N LYS A 63 -4.20 24.01 -0.63
CA LYS A 63 -4.95 24.12 -1.89
C LYS A 63 -4.85 22.85 -2.72
N GLU A 64 -3.74 22.11 -2.61
CA GLU A 64 -3.63 20.84 -3.29
C GLU A 64 -4.45 19.75 -2.58
N ARG A 65 -4.38 19.71 -1.25
CA ARG A 65 -5.19 18.74 -0.49
C ARG A 65 -6.68 18.89 -0.78
N ASP A 66 -7.14 20.13 -0.82
CA ASP A 66 -8.55 20.46 -0.92
C ASP A 66 -9.01 20.64 -2.35
N TYR A 67 -8.13 20.29 -3.30
CA TYR A 67 -8.46 20.56 -4.71
C TYR A 67 -9.79 19.97 -5.14
N CYS A 68 -10.59 20.77 -5.83
CA CYS A 68 -11.90 20.34 -6.31
C CYS A 68 -12.03 20.84 -7.75
N GLY A 69 -12.31 19.93 -8.67
CA GLY A 69 -12.39 20.27 -10.08
C GLY A 69 -11.83 19.18 -10.97
N ASP A 70 -11.29 19.59 -12.11
CA ASP A 70 -10.70 18.68 -13.06
C ASP A 70 -9.23 18.44 -12.74
N PHE A 71 -8.78 17.19 -12.89
CA PHE A 71 -7.38 16.85 -12.72
C PHE A 71 -7.10 15.61 -13.53
N TRP A 72 -5.85 15.43 -13.91
CA TRP A 72 -5.50 14.45 -14.93
C TRP A 72 -4.42 13.46 -14.48
N TYR A 73 -4.55 12.23 -14.95
CA TYR A 73 -3.54 11.18 -14.73
C TYR A 73 -3.01 10.68 -16.06
N GLU A 74 -1.74 10.25 -16.08
CA GLU A 74 -1.15 9.66 -17.27
C GLU A 74 -0.21 8.55 -16.91
N THR A 75 -0.20 7.46 -17.69
CA THR A 75 0.96 6.56 -17.60
C THR A 75 1.20 5.95 -18.97
N GLU A 76 2.31 5.24 -19.08
CA GLU A 76 2.68 4.54 -20.30
C GLU A 76 2.88 3.08 -19.95
N PHE A 77 2.65 2.20 -20.91
CA PHE A 77 2.82 0.78 -20.68
C PHE A 77 3.21 0.10 -21.98
N TYR A 78 4.06 -0.92 -21.87
CA TYR A 78 4.42 -1.73 -23.03
C TYR A 78 3.38 -2.84 -23.20
N LEU A 79 2.82 -2.97 -24.40
CA LEU A 79 1.85 -4.01 -24.70
C LEU A 79 2.54 -5.14 -25.43
N PRO A 80 2.50 -6.36 -24.87
CA PRO A 80 3.14 -7.50 -25.53
C PRO A 80 2.59 -7.73 -26.93
N ALA A 81 3.46 -8.03 -27.90
CA ALA A 81 3.03 -8.30 -29.26
C ALA A 81 2.00 -9.43 -29.30
N GLU A 82 2.13 -10.38 -28.38
CA GLU A 82 1.28 -11.55 -28.34
C GLU A 82 -0.18 -11.22 -27.95
N TRP A 83 -0.47 -9.97 -27.61
CA TRP A 83 -1.85 -9.58 -27.37
C TRP A 83 -2.60 -9.09 -28.62
N ARG A 84 -1.92 -9.01 -29.77
CA ARG A 84 -2.58 -8.62 -31.02
C ARG A 84 -3.79 -9.50 -31.33
N ASN A 85 -4.82 -8.90 -31.93
CA ASN A 85 -6.06 -9.61 -32.28
C ASN A 85 -6.87 -10.17 -31.10
N LYS A 86 -6.53 -9.75 -29.88
CA LYS A 86 -7.39 -9.99 -28.72
C LYS A 86 -8.27 -8.76 -28.52
N LYS A 87 -9.30 -8.88 -27.71
CA LYS A 87 -10.04 -7.71 -27.27
C LYS A 87 -9.27 -7.11 -26.09
N ILE A 88 -8.82 -5.87 -26.22
CA ILE A 88 -7.92 -5.28 -25.23
C ILE A 88 -8.64 -4.18 -24.48
N TRP A 89 -8.65 -4.26 -23.15
CA TRP A 89 -9.39 -3.32 -22.30
C TRP A 89 -8.51 -2.71 -21.24
N LEU A 90 -8.74 -1.44 -20.96
CA LEU A 90 -8.26 -0.83 -19.71
C LEU A 90 -9.33 -1.10 -18.65
N ARG A 91 -8.91 -1.53 -17.46
CA ARG A 91 -9.85 -1.78 -16.38
C ARG A 91 -9.41 -1.02 -15.16
N PHE A 92 -10.23 -0.07 -14.76
CA PHE A 92 -10.00 0.70 -13.54
C PHE A 92 -10.90 0.18 -12.43
N GLY A 93 -10.33 -0.13 -11.27
CA GLY A 93 -11.19 -0.57 -10.18
C GLY A 93 -12.23 0.49 -9.85
N SER A 94 -11.85 1.76 -10.02
CA SER A 94 -12.77 2.88 -9.91
C SER A 94 -12.05 4.11 -10.44
N ILE A 95 -12.83 5.15 -10.76
CA ILE A 95 -12.34 6.46 -11.16
C ILE A 95 -13.22 7.43 -10.38
N THR A 96 -12.64 8.17 -9.43
CA THR A 96 -13.47 8.89 -8.45
C THR A 96 -13.41 10.40 -8.68
N HIS A 97 -14.51 11.08 -9.03
CA HIS A 97 -15.89 10.56 -9.10
C HIS A 97 -16.35 10.26 -10.51
N ARG A 98 -15.78 10.94 -11.48
CA ARG A 98 -16.22 10.75 -12.85
C ARG A 98 -15.02 11.02 -13.73
N GLY A 99 -14.99 10.45 -14.92
CA GLY A 99 -13.86 10.74 -15.77
C GLY A 99 -14.06 10.29 -17.21
N THR A 100 -13.09 10.67 -18.01
CA THR A 100 -13.00 10.24 -19.40
C THR A 100 -11.63 9.65 -19.62
N VAL A 101 -11.63 8.45 -20.20
CA VAL A 101 -10.44 7.67 -20.47
C VAL A 101 -9.99 7.89 -21.91
N TYR A 102 -8.71 8.24 -22.07
CA TYR A 102 -8.06 8.35 -23.39
C TYR A 102 -6.98 7.30 -23.51
N CYS A 103 -6.78 6.79 -24.73
CA CYS A 103 -5.66 5.91 -24.96
C CYS A 103 -5.05 6.26 -26.30
N ASN A 104 -3.74 6.45 -26.31
CA ASN A 104 -2.99 6.85 -27.50
C ASN A 104 -3.64 8.06 -28.16
N GLY A 105 -4.09 8.98 -27.30
CA GLY A 105 -4.65 10.25 -27.75
C GLY A 105 -6.13 10.22 -28.13
N MET A 106 -6.76 9.04 -28.10
CA MET A 106 -8.14 8.86 -28.54
C MET A 106 -9.12 8.71 -27.38
N GLU A 107 -10.25 9.41 -27.43
CA GLU A 107 -11.28 9.26 -26.39
C GLU A 107 -11.92 7.88 -26.46
N ILE A 108 -11.95 7.16 -25.34
CA ILE A 108 -12.46 5.79 -25.34
C ILE A 108 -13.82 5.68 -24.68
N THR A 109 -13.93 6.15 -23.44
CA THR A 109 -15.19 6.03 -22.72
C THR A 109 -15.22 7.03 -21.58
N SER A 110 -16.41 7.26 -21.02
CA SER A 110 -16.59 8.11 -19.85
C SER A 110 -17.45 7.38 -18.85
N HIS A 111 -17.31 7.75 -17.58
CA HIS A 111 -18.09 7.08 -16.55
C HIS A 111 -18.37 8.06 -15.44
N GLU A 112 -19.58 7.96 -14.88
CA GLU A 112 -19.92 8.71 -13.68
C GLU A 112 -20.25 7.73 -12.57
N GLY A 113 -19.67 7.96 -11.39
CA GLY A 113 -19.86 7.07 -10.25
C GLY A 113 -18.48 6.60 -9.82
N GLY A 114 -18.06 6.96 -8.61
CA GLY A 114 -16.65 6.88 -8.25
C GLY A 114 -16.20 5.64 -7.47
N PHE A 115 -17.05 4.61 -7.41
CA PHE A 115 -16.77 3.47 -6.53
C PHE A 115 -17.02 2.11 -7.18
N LEU A 116 -17.11 2.11 -8.52
CA LEU A 116 -17.29 0.86 -9.24
C LEU A 116 -16.41 0.83 -10.50
N PRO A 117 -16.13 -0.38 -11.05
CA PRO A 117 -15.18 -0.48 -12.16
C PRO A 117 -15.54 0.31 -13.41
N VAL A 118 -14.49 0.81 -14.08
CA VAL A 118 -14.63 1.47 -15.37
C VAL A 118 -13.86 0.65 -16.39
N LEU A 119 -14.56 0.24 -17.46
CA LEU A 119 -13.98 -0.59 -18.51
C LEU A 119 -13.92 0.19 -19.82
N ALA A 120 -12.73 0.25 -20.40
CA ALA A 120 -12.53 1.05 -21.62
C ALA A 120 -11.94 0.14 -22.69
N ASP A 121 -12.68 -0.03 -23.79
CA ASP A 121 -12.24 -0.94 -24.85
C ASP A 121 -11.26 -0.23 -25.78
N ILE A 122 -9.98 -0.60 -25.69
CA ILE A 122 -8.94 0.06 -26.48
C ILE A 122 -8.52 -0.81 -27.66
N SER A 123 -9.33 -1.81 -28.01
CA SER A 123 -8.96 -2.74 -29.07
C SER A 123 -8.58 -2.03 -30.38
N THR A 124 -9.31 -0.97 -30.71
CA THR A 124 -9.10 -0.34 -32.01
C THR A 124 -7.95 0.66 -32.03
N VAL A 125 -7.42 1.01 -30.86
CA VAL A 125 -6.33 1.98 -30.83
C VAL A 125 -5.05 1.44 -30.19
N ALA A 126 -5.14 0.26 -29.60
CA ALA A 126 -3.99 -0.34 -28.93
C ALA A 126 -2.92 -0.69 -29.96
N LYS A 127 -1.66 -0.58 -29.55
CA LYS A 127 -0.52 -0.92 -30.41
C LYS A 127 0.30 -2.04 -29.79
N PRO A 128 0.01 -3.28 -30.16
CA PRO A 128 0.77 -4.41 -29.62
C PRO A 128 2.22 -4.33 -30.04
N GLY A 129 3.13 -4.69 -29.14
CA GLY A 129 4.55 -4.63 -29.44
C GLY A 129 5.15 -3.23 -29.38
N GLN A 130 4.41 -2.27 -28.80
CA GLN A 130 4.87 -0.90 -28.65
C GLN A 130 4.49 -0.34 -27.27
N VAL A 131 5.09 0.80 -26.94
CA VAL A 131 4.65 1.57 -25.77
C VAL A 131 3.34 2.27 -26.10
N ASN A 132 2.39 2.17 -25.17
CA ASN A 132 1.08 2.79 -25.31
C ASN A 132 0.88 3.79 -24.19
N GLN A 133 -0.04 4.72 -24.39
CA GLN A 133 -0.28 5.77 -23.43
C GLN A 133 -1.74 5.75 -22.96
N VAL A 134 -1.95 5.93 -21.65
CA VAL A 134 -3.29 6.17 -21.14
C VAL A 134 -3.31 7.51 -20.40
N VAL A 135 -4.32 8.33 -20.70
CA VAL A 135 -4.52 9.59 -19.98
C VAL A 135 -5.96 9.59 -19.49
N VAL A 136 -6.18 9.97 -18.24
CA VAL A 136 -7.53 10.06 -17.73
C VAL A 136 -7.83 11.46 -17.21
N LYS A 137 -8.93 12.05 -17.68
CA LYS A 137 -9.42 13.30 -17.12
C LYS A 137 -10.44 12.93 -16.07
N ILE A 138 -10.23 13.41 -14.85
CA ILE A 138 -11.10 13.11 -13.71
C ILE A 138 -11.68 14.39 -13.12
N ASN A 139 -12.87 14.28 -12.54
CA ASN A 139 -13.45 15.41 -11.84
C ASN A 139 -14.02 14.90 -10.52
N ASN A 140 -13.85 15.67 -9.45
CA ASN A 140 -14.30 15.22 -8.14
C ASN A 140 -15.32 16.14 -7.49
N GLU A 141 -16.02 16.95 -8.31
CA GLU A 141 -17.07 17.81 -7.79
C GLU A 141 -18.28 17.00 -7.33
N LEU A 142 -19.06 17.59 -6.44
CA LEU A 142 -20.25 16.96 -5.93
C LEU A 142 -21.43 17.74 -6.44
N ASN A 143 -22.53 17.05 -6.72
CA ASN A 143 -23.75 17.71 -7.17
C ASN A 143 -24.98 16.94 -6.68
N GLU A 144 -26.16 17.32 -7.14
CA GLU A 144 -27.38 16.69 -6.67
C GLU A 144 -27.98 15.74 -7.71
N THR A 145 -27.21 15.41 -8.74
CA THR A 145 -27.70 14.49 -9.75
C THR A 145 -26.89 13.22 -9.87
N SER A 146 -25.91 13.05 -8.98
CA SER A 146 -25.05 11.87 -8.97
C SER A 146 -24.68 11.56 -7.52
N LEU A 147 -24.24 10.31 -7.27
CA LEU A 147 -23.96 9.82 -5.92
C LEU A 147 -22.46 9.76 -5.66
N PRO A 148 -22.03 10.12 -4.44
CA PRO A 148 -22.83 10.66 -3.34
C PRO A 148 -23.07 12.16 -3.51
N CYS A 149 -24.15 12.67 -2.93
CA CYS A 149 -24.55 14.05 -3.24
C CYS A 149 -23.84 15.12 -2.44
N GLY A 150 -23.70 16.29 -3.04
CA GLY A 150 -23.13 17.44 -2.36
C GLY A 150 -23.25 18.66 -3.24
N ALA A 151 -22.49 19.68 -2.89
CA ALA A 151 -22.43 20.90 -3.66
C ALA A 151 -20.99 21.24 -3.92
N THR A 152 -20.78 22.19 -4.82
CA THR A 152 -19.48 22.75 -5.06
C THR A 152 -19.56 24.24 -4.78
N LYS A 153 -18.71 24.73 -3.90
CA LYS A 153 -18.66 26.15 -3.59
C LYS A 153 -17.54 26.82 -4.36
N ILE A 154 -17.79 28.01 -4.88
CA ILE A 154 -16.74 28.75 -5.56
C ILE A 154 -16.30 29.91 -4.69
N LEU A 155 -15.03 29.90 -4.31
CA LEU A 155 -14.45 30.96 -3.51
C LEU A 155 -14.24 32.18 -4.41
N ASN A 156 -14.01 33.35 -3.81
CA ASN A 156 -14.03 34.63 -4.52
C ASN A 156 -13.14 34.62 -5.77
N ASN A 157 -12.00 33.95 -5.66
CA ASN A 157 -11.00 33.88 -6.73
C ASN A 157 -11.20 32.79 -7.79
N GLY A 158 -12.33 32.10 -7.77
CA GLY A 158 -12.61 31.04 -8.71
C GLY A 158 -12.26 29.65 -8.21
N ARG A 159 -11.59 29.58 -7.06
CA ARG A 159 -11.19 28.28 -6.54
C ARG A 159 -12.41 27.49 -6.07
N LYS A 160 -12.50 26.19 -6.44
CA LYS A 160 -13.64 25.36 -6.03
C LYS A 160 -13.34 24.62 -4.73
N LEU A 161 -14.40 24.40 -3.95
CA LEU A 161 -14.30 23.65 -2.72
C LEU A 161 -15.48 22.69 -2.67
N ALA A 162 -15.20 21.42 -2.39
CA ALA A 162 -16.28 20.44 -2.27
C ALA A 162 -17.05 20.66 -0.97
N LYS A 163 -18.37 20.58 -1.07
CA LYS A 163 -19.23 20.67 0.11
C LYS A 163 -20.14 19.45 0.21
N PRO A 164 -19.65 18.37 0.85
CA PRO A 164 -20.44 17.15 0.96
C PRO A 164 -21.74 17.31 1.73
N TYR A 165 -22.73 16.52 1.35
CA TYR A 165 -23.92 16.36 2.21
C TYR A 165 -23.78 15.09 3.04
N PHE A 166 -22.54 14.58 3.11
CA PHE A 166 -22.24 13.31 3.79
C PHE A 166 -21.03 13.51 4.71
N ASP A 167 -20.94 12.65 5.73
CA ASP A 167 -19.92 12.77 6.77
C ASP A 167 -18.68 11.91 6.47
N PHE A 168 -18.08 12.13 5.30
CA PHE A 168 -16.76 11.57 5.04
C PHE A 168 -16.01 12.44 4.06
N PHE A 169 -14.68 12.42 4.13
CA PHE A 169 -13.88 13.35 3.34
C PHE A 169 -14.02 13.05 1.86
N ASN A 170 -14.01 14.09 1.01
CA ASN A 170 -14.15 13.88 -0.42
C ASN A 170 -12.85 13.42 -1.09
N TYR A 171 -12.34 12.28 -0.66
CA TYR A 171 -11.18 11.66 -1.30
C TYR A 171 -11.51 11.28 -2.74
N SER A 172 -10.52 11.39 -3.61
CA SER A 172 -10.75 11.13 -5.02
C SER A 172 -9.45 10.82 -5.75
N GLY A 173 -9.55 10.47 -7.03
CA GLY A 173 -8.38 10.08 -7.80
C GLY A 173 -8.55 8.67 -8.33
N LEU A 174 -7.42 7.97 -8.55
CA LEU A 174 -7.41 6.55 -8.94
C LEU A 174 -7.09 5.75 -7.70
N GLN A 175 -8.16 5.37 -6.99
CA GLN A 175 -8.05 4.86 -5.62
C GLN A 175 -7.95 3.35 -5.61
N ARG A 176 -8.09 2.72 -6.76
CA ARG A 176 -8.03 1.27 -6.83
C ARG A 176 -7.10 0.81 -7.94
N SER A 177 -6.84 -0.49 -7.98
CA SER A 177 -5.91 -0.97 -8.98
C SER A 177 -6.38 -0.75 -10.41
N VAL A 178 -5.41 -0.61 -11.30
CA VAL A 178 -5.69 -0.43 -12.72
C VAL A 178 -4.98 -1.53 -13.50
N TRP A 179 -5.65 -2.11 -14.48
CA TRP A 179 -5.04 -3.14 -15.33
C TRP A 179 -5.24 -2.86 -16.80
N VAL A 180 -4.38 -3.43 -17.62
CA VAL A 180 -4.71 -3.56 -19.04
C VAL A 180 -4.86 -5.07 -19.24
N ILE A 181 -5.93 -5.51 -19.90
CA ILE A 181 -6.23 -6.93 -20.03
C ILE A 181 -6.53 -7.30 -21.48
N ALA A 182 -6.40 -8.58 -21.81
CA ALA A 182 -6.71 -9.05 -23.15
C ALA A 182 -7.62 -10.24 -23.01
N LEU A 183 -8.73 -10.20 -23.74
CA LEU A 183 -9.75 -11.23 -23.69
C LEU A 183 -9.87 -11.88 -25.06
N PRO A 184 -10.34 -13.13 -25.11
CA PRO A 184 -10.61 -13.69 -26.44
C PRO A 184 -11.76 -12.96 -27.12
N GLU A 185 -11.84 -13.09 -28.44
CA GLU A 185 -12.83 -12.40 -29.23
C GLU A 185 -14.26 -12.81 -28.87
N GLU A 186 -14.42 -14.06 -28.48
CA GLU A 186 -15.70 -14.51 -27.94
C GLU A 186 -15.43 -14.87 -26.49
N SER A 187 -16.05 -14.15 -25.54
CA SER A 187 -15.71 -14.34 -24.13
C SER A 187 -16.92 -14.42 -23.21
N VAL A 188 -16.67 -14.96 -22.03
CA VAL A 188 -17.62 -14.91 -20.92
C VAL A 188 -17.70 -13.49 -20.39
N LYS A 189 -18.88 -12.88 -20.51
CA LYS A 189 -19.11 -11.49 -20.11
C LYS A 189 -19.70 -11.38 -18.72
N ASP A 190 -20.59 -12.29 -18.39
CA ASP A 190 -21.28 -12.28 -17.10
C ASP A 190 -21.73 -13.68 -16.78
N TYR A 191 -21.95 -13.95 -15.50
CA TYR A 191 -22.69 -15.14 -15.12
C TYR A 191 -23.35 -14.87 -13.77
N SER A 192 -24.34 -15.68 -13.44
CA SER A 192 -25.02 -15.58 -12.15
C SER A 192 -25.24 -16.96 -11.56
N VAL A 193 -25.08 -17.09 -10.25
CA VAL A 193 -25.46 -18.33 -9.57
C VAL A 193 -26.52 -18.10 -8.49
N ASP A 194 -27.34 -19.12 -8.23
CA ASP A 194 -28.36 -19.09 -7.19
C ASP A 194 -28.41 -20.48 -6.60
N TYR A 195 -28.73 -20.61 -5.32
CA TYR A 195 -28.57 -21.89 -4.65
C TYR A 195 -29.88 -22.41 -4.07
N GLU A 196 -30.01 -23.73 -4.08
CA GLU A 196 -31.14 -24.40 -3.45
C GLU A 196 -30.58 -25.55 -2.63
N LEU A 197 -31.03 -25.68 -1.39
CA LEU A 197 -30.56 -26.76 -0.53
C LEU A 197 -31.58 -27.88 -0.55
N CYS A 198 -31.09 -29.11 -0.73
CA CYS A 198 -31.95 -30.29 -0.85
C CYS A 198 -31.40 -31.41 0.03
N GLY A 199 -31.66 -31.33 1.34
CA GLY A 199 -31.15 -32.31 2.27
C GLY A 199 -29.64 -32.17 2.43
N THR A 200 -28.89 -33.21 2.10
CA THR A 200 -27.44 -33.16 2.18
C THR A 200 -26.87 -32.64 0.87
N ASP A 201 -27.73 -32.46 -0.12
CA ASP A 201 -27.28 -32.06 -1.45
C ASP A 201 -27.62 -30.60 -1.71
N ALA A 202 -27.07 -30.06 -2.79
CA ALA A 202 -27.43 -28.69 -3.20
C ALA A 202 -27.52 -28.56 -4.71
N LEU A 203 -28.30 -27.59 -5.17
CA LEU A 203 -28.34 -27.24 -6.57
C LEU A 203 -27.72 -25.87 -6.79
N VAL A 204 -26.89 -25.76 -7.82
CA VAL A 204 -26.39 -24.46 -8.22
C VAL A 204 -27.03 -24.10 -9.55
N LYS A 205 -28.04 -23.23 -9.50
CA LYS A 205 -28.68 -22.73 -10.70
C LYS A 205 -27.77 -21.66 -11.29
N TYR A 206 -27.64 -21.63 -12.62
CA TYR A 206 -26.79 -20.59 -13.22
C TYR A 206 -27.31 -20.06 -14.54
N GLU A 207 -26.83 -18.87 -14.90
CA GLU A 207 -26.97 -18.30 -16.23
C GLU A 207 -25.59 -17.76 -16.63
N VAL A 208 -25.27 -17.87 -17.92
CA VAL A 208 -24.03 -17.33 -18.47
C VAL A 208 -24.36 -16.43 -19.66
N VAL A 209 -23.73 -15.28 -19.72
CA VAL A 209 -23.83 -14.39 -20.87
C VAL A 209 -22.46 -14.30 -21.54
N THR A 210 -22.39 -14.59 -22.83
CA THR A 210 -21.13 -14.48 -23.56
C THR A 210 -21.25 -13.49 -24.69
N THR A 211 -20.15 -13.22 -25.39
CA THR A 211 -20.18 -12.29 -26.52
C THR A 211 -20.30 -13.01 -27.88
N GLY A 212 -20.72 -14.27 -27.84
CA GLY A 212 -20.90 -15.05 -29.08
C GLY A 212 -21.95 -16.13 -28.94
N GLU A 213 -21.95 -17.08 -29.87
CA GLU A 213 -23.03 -18.06 -29.90
C GLU A 213 -22.56 -19.50 -29.74
N HIS A 214 -21.26 -19.70 -29.51
CA HIS A 214 -20.75 -21.04 -29.28
C HIS A 214 -21.22 -21.65 -27.99
N PRO A 215 -21.18 -22.99 -27.90
CA PRO A 215 -21.62 -23.73 -26.71
C PRO A 215 -20.81 -23.40 -25.45
N VAL A 216 -21.49 -23.52 -24.31
CA VAL A 216 -20.93 -23.29 -22.98
C VAL A 216 -20.97 -24.56 -22.15
N ILE A 217 -19.84 -24.88 -21.52
CA ILE A 217 -19.77 -25.97 -20.56
C ILE A 217 -19.49 -25.35 -19.18
N VAL A 218 -20.20 -25.82 -18.16
CA VAL A 218 -19.99 -25.29 -16.82
C VAL A 218 -19.64 -26.46 -15.90
N ARG A 219 -18.53 -26.30 -15.21
CA ARG A 219 -18.02 -27.26 -14.24
C ARG A 219 -17.93 -26.65 -12.86
N LEU A 220 -18.11 -27.49 -11.85
CA LEU A 220 -17.88 -27.06 -10.48
C LEU A 220 -16.80 -27.95 -9.88
N LEU A 221 -15.75 -27.33 -9.33
CA LEU A 221 -14.68 -28.03 -8.65
C LEU A 221 -14.76 -27.80 -7.14
N ASP A 222 -14.39 -28.78 -6.32
CA ASP A 222 -14.38 -28.51 -4.88
C ASP A 222 -13.08 -27.81 -4.49
N ALA A 223 -12.86 -27.63 -3.18
CA ALA A 223 -11.75 -26.82 -2.71
C ALA A 223 -10.39 -27.43 -3.01
N GLU A 224 -10.37 -28.72 -3.37
CA GLU A 224 -9.12 -29.34 -3.78
C GLU A 224 -9.00 -29.50 -5.28
N GLY A 225 -9.93 -28.93 -6.05
CA GLY A 225 -9.83 -28.98 -7.50
C GLY A 225 -10.48 -30.20 -8.13
N GLU A 226 -11.19 -31.00 -7.33
CA GLU A 226 -11.87 -32.20 -7.85
C GLU A 226 -13.21 -31.85 -8.46
N LEU A 227 -13.51 -32.45 -9.62
CA LEU A 227 -14.77 -32.19 -10.31
C LEU A 227 -15.95 -32.75 -9.49
N VAL A 228 -16.96 -31.92 -9.21
CA VAL A 228 -18.13 -32.47 -8.52
C VAL A 228 -19.44 -32.35 -9.31
N ALA A 229 -19.44 -31.53 -10.37
CA ALA A 229 -20.60 -31.35 -11.22
C ALA A 229 -20.20 -30.74 -12.54
N GLU A 230 -20.97 -31.06 -13.58
CA GLU A 230 -20.70 -30.58 -14.93
C GLU A 230 -21.98 -30.59 -15.73
N THR A 231 -22.22 -29.51 -16.47
CA THR A 231 -23.35 -29.51 -17.37
C THR A 231 -23.07 -28.59 -18.54
N GLU A 232 -24.00 -28.58 -19.49
CA GLU A 232 -23.83 -27.82 -20.70
C GLU A 232 -24.98 -26.85 -20.89
N GLY A 233 -24.65 -25.69 -21.43
CA GLY A 233 -25.66 -24.72 -21.78
C GLY A 233 -25.44 -23.42 -21.04
N LYS A 234 -26.00 -22.35 -21.59
CA LYS A 234 -25.87 -21.03 -20.99
C LYS A 234 -26.80 -20.85 -19.79
N GLU A 235 -27.78 -21.74 -19.65
CA GLU A 235 -28.57 -21.79 -18.45
C GLU A 235 -28.64 -23.23 -18.03
N GLY A 236 -28.51 -23.51 -16.73
CA GLY A 236 -28.52 -24.88 -16.28
C GLY A 236 -28.50 -25.03 -14.79
N ILE A 237 -28.39 -26.27 -14.34
CA ILE A 237 -28.35 -26.58 -12.92
C ILE A 237 -27.23 -27.57 -12.67
N LEU A 238 -26.38 -27.25 -11.70
CA LEU A 238 -25.34 -28.15 -11.26
C LEU A 238 -25.85 -28.85 -10.01
N GLN A 239 -25.75 -30.17 -10.00
CA GLN A 239 -26.17 -30.95 -8.85
C GLN A 239 -24.98 -31.38 -8.02
N VAL A 240 -24.97 -30.96 -6.77
CA VAL A 240 -23.84 -31.24 -5.91
C VAL A 240 -24.23 -32.18 -4.80
N ALA A 241 -23.71 -33.40 -4.85
CA ALA A 241 -23.96 -34.37 -3.77
C ALA A 241 -23.18 -34.01 -2.53
N ASN A 242 -23.81 -34.14 -1.37
CA ASN A 242 -23.12 -33.97 -0.09
C ASN A 242 -22.38 -32.64 -0.05
N ALA A 243 -23.08 -31.60 -0.45
CA ALA A 243 -22.52 -30.27 -0.59
C ALA A 243 -21.91 -29.78 0.72
N ARG A 244 -20.74 -29.15 0.64
CA ARG A 244 -20.12 -28.53 1.80
C ARG A 244 -20.49 -27.06 1.80
N LEU A 245 -21.45 -26.68 2.65
CA LEU A 245 -22.00 -25.34 2.58
C LEU A 245 -21.00 -24.32 3.11
N TRP A 246 -21.06 -23.13 2.50
CA TRP A 246 -20.38 -21.95 3.01
C TRP A 246 -21.15 -21.48 4.25
N GLU A 247 -20.46 -21.39 5.39
CA GLU A 247 -21.10 -21.06 6.66
C GLU A 247 -20.50 -19.83 7.30
N VAL A 248 -21.25 -19.17 8.18
CA VAL A 248 -20.76 -17.96 8.83
C VAL A 248 -19.51 -18.25 9.61
N ARG A 249 -18.46 -17.48 9.36
CA ARG A 249 -17.18 -17.68 10.02
C ARG A 249 -16.67 -19.12 9.86
N ASN A 250 -17.03 -19.74 8.74
CA ASN A 250 -16.59 -21.09 8.47
C ASN A 250 -16.82 -21.38 6.98
N ALA A 251 -16.05 -20.68 6.17
CA ALA A 251 -16.21 -20.68 4.73
C ALA A 251 -15.79 -22.01 4.13
N TYR A 252 -16.44 -22.33 3.02
CA TYR A 252 -15.97 -23.32 2.08
C TYR A 252 -16.27 -22.79 0.70
N LEU A 253 -15.27 -22.83 -0.18
CA LEU A 253 -15.43 -22.28 -1.52
C LEU A 253 -15.17 -23.34 -2.59
N TYR A 254 -16.19 -23.52 -3.44
CA TYR A 254 -16.06 -24.25 -4.68
C TYR A 254 -15.50 -23.34 -5.74
N GLN A 255 -15.09 -23.91 -6.88
CA GLN A 255 -14.63 -23.10 -7.99
C GLN A 255 -15.53 -23.39 -9.18
N ILE A 256 -16.19 -22.35 -9.70
CA ILE A 256 -16.96 -22.52 -10.93
C ILE A 256 -16.03 -22.24 -12.11
N VAL A 257 -16.15 -23.08 -13.14
CA VAL A 257 -15.33 -23.01 -14.32
C VAL A 257 -16.26 -22.93 -15.52
N ILE A 258 -16.17 -21.83 -16.26
CA ILE A 258 -17.06 -21.60 -17.39
C ILE A 258 -16.26 -21.64 -18.69
N LEU A 259 -16.60 -22.56 -19.57
CA LEU A 259 -15.85 -22.74 -20.79
C LEU A 259 -16.72 -22.43 -21.98
N ILE A 260 -16.14 -21.74 -22.96
CA ILE A 260 -16.78 -21.60 -24.27
C ILE A 260 -16.04 -22.52 -25.22
N THR A 261 -16.76 -23.31 -26.03
CA THR A 261 -16.04 -24.25 -26.89
C THR A 261 -16.53 -24.16 -28.31
N ASP A 262 -15.66 -24.54 -29.25
CA ASP A 262 -16.13 -24.81 -30.60
C ASP A 262 -15.74 -26.23 -30.94
N GLY A 263 -15.82 -26.60 -32.21
CA GLY A 263 -15.49 -27.96 -32.59
C GLY A 263 -14.04 -28.35 -32.38
N ASN A 264 -13.15 -27.37 -32.29
CA ASN A 264 -11.74 -27.69 -32.18
C ASN A 264 -11.17 -27.46 -30.80
N GLY A 265 -11.99 -27.01 -29.86
CA GLY A 265 -11.47 -26.77 -28.53
C GLY A 265 -12.10 -25.60 -27.80
N VAL A 266 -11.42 -25.21 -26.73
CA VAL A 266 -11.91 -24.17 -25.83
C VAL A 266 -11.53 -22.81 -26.37
N LEU A 267 -12.47 -21.87 -26.36
CA LEU A 267 -12.27 -20.50 -26.79
C LEU A 267 -12.01 -19.53 -25.63
N ASP A 268 -12.61 -19.82 -24.47
CA ASP A 268 -12.44 -18.96 -23.30
C ASP A 268 -12.68 -19.82 -22.07
N GLU A 269 -12.07 -19.42 -20.96
CA GLU A 269 -12.27 -20.05 -19.68
C GLU A 269 -12.34 -18.98 -18.62
N TYR A 270 -13.44 -18.94 -17.88
CA TYR A 270 -13.49 -18.07 -16.72
C TYR A 270 -13.68 -18.91 -15.45
N ARG A 271 -12.92 -18.57 -14.42
CA ARG A 271 -12.89 -19.30 -13.15
C ARG A 271 -13.07 -18.33 -11.99
N GLU A 272 -13.91 -18.71 -11.03
CA GLU A 272 -14.09 -17.88 -9.84
C GLU A 272 -14.50 -18.74 -8.65
N LYS A 273 -14.08 -18.36 -7.44
CA LYS A 273 -14.53 -19.07 -6.25
C LYS A 273 -15.93 -18.59 -5.85
N ILE A 274 -16.81 -19.54 -5.54
CA ILE A 274 -18.15 -19.24 -5.06
C ILE A 274 -18.46 -20.11 -3.84
N GLY A 275 -19.50 -19.75 -3.09
CA GLY A 275 -19.85 -20.51 -1.88
C GLY A 275 -21.32 -20.85 -1.91
N ILE A 276 -21.64 -22.12 -1.66
CA ILE A 276 -23.01 -22.59 -1.65
C ILE A 276 -23.66 -22.23 -0.32
N ARG A 277 -24.59 -21.30 -0.36
CA ARG A 277 -25.30 -20.84 0.80
C ARG A 277 -26.62 -20.19 0.41
N THR A 278 -27.61 -20.26 1.29
CA THR A 278 -28.87 -19.56 1.05
C THR A 278 -29.09 -18.50 2.12
N VAL A 279 -29.71 -17.41 1.70
CA VAL A 279 -30.11 -16.34 2.62
C VAL A 279 -31.57 -16.05 2.38
N ARG A 280 -32.36 -16.03 3.46
CA ARG A 280 -33.70 -15.50 3.33
C ARG A 280 -34.20 -14.92 4.64
N ILE A 281 -35.24 -14.13 4.52
CA ILE A 281 -35.93 -13.57 5.70
C ILE A 281 -37.19 -14.37 5.94
N GLU A 282 -37.36 -14.82 7.17
CA GLU A 282 -38.58 -15.52 7.58
C GLU A 282 -39.08 -14.88 8.87
N GLY A 283 -40.19 -14.15 8.79
CA GLY A 283 -40.66 -13.41 9.94
C GLY A 283 -39.54 -12.48 10.38
N THR A 284 -39.24 -12.49 11.67
CA THR A 284 -38.23 -11.57 12.19
C THR A 284 -36.84 -12.17 12.16
N LYS A 285 -36.67 -13.34 11.53
CA LYS A 285 -35.39 -14.03 11.48
C LYS A 285 -34.66 -13.83 10.15
N ILE A 286 -33.34 -13.64 10.25
CA ILE A 286 -32.46 -13.73 9.09
C ILE A 286 -31.91 -15.14 9.05
N LEU A 287 -32.20 -15.87 7.97
CA LEU A 287 -31.81 -17.28 7.90
C LEU A 287 -30.64 -17.48 6.94
N LEU A 288 -29.57 -18.05 7.45
CA LEU A 288 -28.44 -18.44 6.60
C LEU A 288 -28.39 -19.95 6.56
N ASN A 289 -28.55 -20.55 5.37
CA ASN A 289 -28.66 -22.01 5.28
C ASN A 289 -29.74 -22.55 6.24
N ASP A 290 -30.88 -21.87 6.27
CA ASP A 290 -32.04 -22.33 7.03
C ASP A 290 -31.87 -22.26 8.55
N ARG A 291 -30.90 -21.50 9.03
CA ARG A 291 -30.74 -21.33 10.47
C ARG A 291 -30.62 -19.85 10.77
N PRO A 292 -31.24 -19.39 11.86
CA PRO A 292 -31.14 -17.97 12.18
C PRO A 292 -29.71 -17.53 12.50
N VAL A 293 -29.39 -16.32 12.05
CA VAL A 293 -28.10 -15.71 12.37
C VAL A 293 -28.38 -14.31 12.90
N TYR A 294 -27.62 -13.92 13.92
CA TYR A 294 -27.72 -12.58 14.47
C TYR A 294 -26.47 -11.83 14.00
N LEU A 295 -26.67 -10.70 13.31
CA LEU A 295 -25.52 -9.97 12.72
C LEU A 295 -24.74 -9.23 13.81
N LYS A 296 -23.41 -9.36 13.79
CA LYS A 296 -22.55 -8.74 14.77
C LYS A 296 -21.38 -8.09 14.03
N GLY A 297 -21.24 -6.78 14.10
CA GLY A 297 -20.07 -6.22 13.43
C GLY A 297 -20.12 -4.71 13.36
N PHE A 298 -19.78 -4.17 12.20
CA PHE A 298 -19.52 -2.73 12.06
C PHE A 298 -19.93 -2.18 10.72
N GLY A 299 -20.21 -0.88 10.68
CA GLY A 299 -20.01 -0.12 9.45
C GLY A 299 -18.51 0.18 9.36
N LYS A 300 -17.97 0.09 8.14
CA LYS A 300 -16.57 0.44 7.91
C LYS A 300 -16.46 1.68 6.99
N HIS A 301 -15.25 1.96 6.54
CA HIS A 301 -14.96 2.89 5.44
C HIS A 301 -13.74 2.35 4.73
N GLU A 302 -13.51 2.75 3.50
CA GLU A 302 -12.20 2.56 2.86
C GLU A 302 -11.40 3.79 3.26
N ASP A 303 -10.54 3.65 4.27
CA ASP A 303 -9.92 4.82 4.88
C ASP A 303 -8.70 4.39 5.70
N PHE A 304 -7.57 5.02 5.43
CA PHE A 304 -6.32 4.63 6.09
C PHE A 304 -5.38 5.82 5.98
N PRO A 305 -4.49 6.00 6.97
CA PRO A 305 -3.58 7.15 6.92
C PRO A 305 -2.76 7.23 5.62
N ILE A 306 -2.68 8.47 5.11
CA ILE A 306 -1.95 8.86 3.91
C ILE A 306 -2.57 8.31 2.61
N LEU A 307 -2.92 7.03 2.56
CA LEU A 307 -3.49 6.45 1.32
C LEU A 307 -4.91 6.92 1.06
N GLY A 308 -5.59 7.43 2.08
CA GLY A 308 -6.98 7.79 1.94
C GLY A 308 -7.86 6.56 1.74
N ARG A 309 -8.53 6.48 0.59
CA ARG A 309 -9.33 5.29 0.28
C ARG A 309 -8.54 4.32 -0.59
N GLY A 310 -7.26 4.61 -0.79
CA GLY A 310 -6.43 3.76 -1.64
C GLY A 310 -6.44 2.31 -1.19
N PHE A 311 -6.63 1.41 -2.13
CA PHE A 311 -6.65 -0.01 -1.80
C PHE A 311 -5.29 -0.58 -1.43
N HIS A 312 -5.24 -1.42 -0.39
CA HIS A 312 -4.02 -2.15 -0.07
C HIS A 312 -4.43 -3.42 0.64
N TRP A 313 -3.89 -4.56 0.22
CA TRP A 313 -4.23 -5.82 0.90
C TRP A 313 -3.86 -5.82 2.38
N GLY A 314 -2.88 -5.02 2.76
CA GLY A 314 -2.47 -4.93 4.16
C GLY A 314 -3.58 -4.40 5.04
N ILE A 315 -4.35 -3.45 4.53
CA ILE A 315 -5.46 -2.89 5.29
C ILE A 315 -6.55 -3.96 5.44
N VAL A 316 -6.81 -4.70 4.36
CA VAL A 316 -7.72 -5.83 4.42
C VAL A 316 -7.29 -6.83 5.48
N LYS A 317 -6.01 -7.23 5.48
CA LYS A 317 -5.55 -8.26 6.41
C LYS A 317 -5.67 -7.80 7.88
N ARG A 318 -5.18 -6.59 8.17
CA ARG A 318 -5.30 -6.09 9.55
C ARG A 318 -6.76 -5.96 9.98
N ASP A 319 -7.59 -5.42 9.10
CA ASP A 319 -8.98 -5.18 9.50
C ASP A 319 -9.70 -6.49 9.76
N PHE A 320 -9.45 -7.50 8.94
CA PHE A 320 -10.10 -8.79 9.21
C PHE A 320 -9.56 -9.45 10.46
N GLU A 321 -8.28 -9.30 10.76
CA GLU A 321 -7.78 -9.86 12.02
C GLU A 321 -8.45 -9.18 13.21
N CYS A 322 -8.62 -7.86 13.11
CA CYS A 322 -9.32 -7.14 14.18
C CYS A 322 -10.77 -7.57 14.29
N LEU A 323 -11.44 -7.70 13.14
CA LEU A 323 -12.83 -8.15 13.14
C LEU A 323 -12.98 -9.50 13.81
N LYS A 324 -12.12 -10.44 13.43
CA LYS A 324 -12.19 -11.77 14.04
C LYS A 324 -11.90 -11.73 15.55
N TRP A 325 -10.97 -10.90 15.96
CA TRP A 325 -10.67 -10.77 17.40
C TRP A 325 -11.88 -10.21 18.16
N THR A 326 -12.71 -9.36 17.53
CA THR A 326 -13.93 -8.93 18.24
C THR A 326 -15.06 -9.97 18.22
N ASN A 327 -14.88 -11.08 17.49
CA ASN A 327 -15.94 -12.11 17.27
C ASN A 327 -17.10 -11.61 16.42
N ALA A 328 -16.82 -10.61 15.58
CA ALA A 328 -17.77 -10.14 14.58
C ALA A 328 -18.03 -11.18 13.51
N ASN A 329 -19.18 -11.06 12.84
CA ASN A 329 -19.46 -11.87 11.65
C ASN A 329 -19.95 -11.10 10.43
N CYS A 330 -19.98 -9.76 10.51
CA CYS A 330 -20.65 -8.97 9.49
C CYS A 330 -20.08 -7.57 9.38
N PHE A 331 -19.98 -7.04 8.16
CA PHE A 331 -19.90 -5.60 8.04
C PHE A 331 -20.76 -5.07 6.89
N ARG A 332 -21.07 -3.78 6.97
CA ARG A 332 -21.74 -3.04 5.90
C ARG A 332 -20.69 -2.23 5.16
N THR A 333 -20.77 -2.18 3.83
CA THR A 333 -19.85 -1.33 3.07
C THR A 333 -20.36 0.11 3.05
N SER A 334 -20.47 0.68 4.24
CA SER A 334 -20.79 2.09 4.34
C SER A 334 -19.71 2.96 3.69
N HIS A 335 -20.03 3.95 2.84
CA HIS A 335 -21.35 4.19 2.22
C HIS A 335 -21.20 4.16 0.70
N TYR A 336 -20.61 3.07 0.22
CA TYR A 336 -20.27 2.92 -1.21
C TYR A 336 -19.71 1.50 -1.38
N PRO A 337 -19.81 0.93 -2.58
CA PRO A 337 -19.18 -0.37 -2.78
C PRO A 337 -17.67 -0.25 -2.57
N TYR A 338 -17.09 -1.26 -1.96
CA TYR A 338 -15.64 -1.25 -1.70
C TYR A 338 -14.89 -1.88 -2.85
N ALA A 339 -13.57 -1.82 -2.78
CA ALA A 339 -12.76 -2.54 -3.76
C ALA A 339 -13.14 -4.03 -3.70
N GLU A 340 -13.14 -4.66 -4.87
CA GLU A 340 -13.58 -6.06 -5.02
C GLU A 340 -12.86 -7.00 -4.07
N GLU A 341 -11.61 -6.69 -3.81
CA GLU A 341 -10.79 -7.53 -2.94
C GLU A 341 -11.33 -7.73 -1.52
N TRP A 342 -12.08 -6.73 -1.02
CA TRP A 342 -12.68 -6.87 0.31
C TRP A 342 -13.69 -8.01 0.33
N TYR A 343 -14.43 -8.15 -0.77
CA TYR A 343 -15.45 -9.20 -0.86
C TYR A 343 -14.81 -10.58 -1.06
N GLN A 344 -13.75 -10.61 -1.88
CA GLN A 344 -13.00 -11.85 -2.06
C GLN A 344 -12.52 -12.37 -0.71
N PHE A 345 -12.03 -11.46 0.12
CA PHE A 345 -11.50 -11.89 1.40
C PHE A 345 -12.62 -12.27 2.37
N ALA A 346 -13.72 -11.51 2.35
CA ALA A 346 -14.86 -11.90 3.20
C ALA A 346 -15.34 -13.31 2.83
N ASP A 347 -15.28 -13.64 1.55
CA ASP A 347 -15.69 -14.97 1.10
C ASP A 347 -14.81 -16.03 1.73
N GLU A 348 -13.51 -15.76 1.83
CA GLU A 348 -12.56 -16.72 2.40
C GLU A 348 -12.71 -16.85 3.91
N GLU A 349 -13.06 -15.74 4.56
CA GLU A 349 -13.16 -15.68 6.01
C GLU A 349 -14.56 -15.92 6.55
N GLY A 350 -15.53 -16.12 5.66
CA GLY A 350 -16.88 -16.39 6.13
C GLY A 350 -17.59 -15.20 6.76
N PHE A 351 -17.24 -13.99 6.34
CA PHE A 351 -17.96 -12.80 6.81
C PHE A 351 -19.14 -12.48 5.94
N LEU A 352 -20.18 -11.95 6.59
CA LEU A 352 -21.42 -11.53 5.91
C LEU A 352 -21.30 -10.08 5.56
N ILE A 353 -21.72 -9.71 4.35
CA ILE A 353 -21.64 -8.33 3.91
C ILE A 353 -23.00 -7.79 3.52
N ILE A 354 -23.29 -6.58 4.02
CA ILE A 354 -24.41 -5.79 3.48
C ILE A 354 -23.76 -4.80 2.50
N ASP A 355 -24.06 -4.94 1.21
CA ASP A 355 -23.35 -4.19 0.16
C ASP A 355 -24.15 -2.94 -0.14
N GLU A 356 -23.53 -1.77 0.03
CA GLU A 356 -24.26 -0.52 -0.03
C GLU A 356 -23.84 0.39 -1.19
N VAL A 357 -24.84 0.84 -1.92
CA VAL A 357 -24.67 1.75 -3.05
C VAL A 357 -24.45 3.19 -2.49
N PRO A 358 -23.77 4.11 -3.23
CA PRO A 358 -23.41 5.39 -2.56
C PRO A 358 -24.55 6.41 -2.42
N ALA A 359 -25.74 5.93 -2.12
CA ALA A 359 -26.92 6.79 -2.00
C ALA A 359 -26.99 7.44 -0.63
N VAL A 360 -26.09 8.39 -0.44
CA VAL A 360 -25.95 9.06 0.83
C VAL A 360 -25.88 10.54 0.48
N GLY A 361 -26.43 11.37 1.35
CA GLY A 361 -26.38 12.79 1.13
C GLY A 361 -27.69 13.22 0.51
N MET A 362 -28.72 12.39 0.67
CA MET A 362 -30.02 12.81 0.20
C MET A 362 -30.89 13.43 1.29
N MET A 363 -30.31 13.74 2.45
CA MET A 363 -31.05 14.43 3.50
C MET A 363 -31.43 15.89 3.14
N ARG A 364 -32.68 16.24 3.37
CA ARG A 364 -33.18 17.60 3.16
C ARG A 364 -32.54 18.63 4.16
N SER A 365 -32.37 18.21 5.41
CA SER A 365 -31.79 19.09 6.43
C SER A 365 -30.32 19.42 6.15
N THR A 366 -29.55 18.43 5.70
CA THR A 366 -28.12 18.61 5.42
C THR A 366 -27.91 19.41 4.13
N ARG A 367 -28.71 19.12 3.11
CA ARG A 367 -28.61 19.82 1.83
C ARG A 367 -28.68 21.33 2.02
N GLU A 382 -34.86 21.43 -8.07
CA GLU A 382 -35.18 20.63 -6.88
C GLU A 382 -36.15 19.53 -7.29
N ALA A 383 -36.95 19.81 -8.31
CA ALA A 383 -37.83 18.83 -8.94
C ALA A 383 -37.33 18.54 -10.34
N LEU A 384 -36.24 19.21 -10.69
CA LEU A 384 -35.57 19.04 -11.97
C LEU A 384 -34.39 18.08 -11.85
N THR A 385 -33.81 18.03 -10.67
CA THR A 385 -32.63 17.21 -10.50
C THR A 385 -32.98 15.76 -10.09
N VAL A 386 -34.13 15.57 -9.44
CA VAL A 386 -34.46 14.23 -8.92
C VAL A 386 -34.61 13.14 -10.01
N PRO A 387 -35.19 13.45 -11.18
CA PRO A 387 -35.18 12.39 -12.19
C PRO A 387 -33.79 12.00 -12.69
N GLU A 388 -32.86 12.95 -12.73
CA GLU A 388 -31.50 12.63 -13.14
C GLU A 388 -30.79 11.87 -12.04
N LEU A 389 -31.03 12.28 -10.80
CA LEU A 389 -30.47 11.55 -9.66
C LEU A 389 -30.94 10.09 -9.65
N LEU A 390 -32.23 9.86 -9.94
CA LEU A 390 -32.76 8.50 -9.95
C LEU A 390 -32.06 7.63 -10.98
N LYS A 391 -31.82 8.18 -12.15
CA LYS A 391 -31.11 7.46 -13.20
C LYS A 391 -29.70 7.10 -12.72
N SER A 392 -29.03 8.04 -12.07
CA SER A 392 -27.68 7.75 -11.53
C SER A 392 -27.72 6.66 -10.46
N HIS A 393 -28.69 6.77 -9.58
CA HIS A 393 -28.86 5.83 -8.49
C HIS A 393 -29.12 4.42 -9.03
N ILE A 394 -30.01 4.31 -10.02
CA ILE A 394 -30.29 2.99 -10.63
C ILE A 394 -29.06 2.45 -11.37
N ALA A 395 -28.30 3.29 -12.07
CA ALA A 395 -27.10 2.81 -12.74
C ALA A 395 -26.06 2.26 -11.76
N ASP A 396 -25.83 2.99 -10.68
CA ASP A 396 -24.91 2.52 -9.65
C ASP A 396 -25.40 1.21 -9.01
N THR A 397 -26.71 1.09 -8.83
CA THR A 397 -27.26 -0.11 -8.25
C THR A 397 -27.03 -1.30 -9.19
N GLU A 398 -27.30 -1.09 -10.47
CA GLU A 398 -27.11 -2.13 -11.46
C GLU A 398 -25.64 -2.58 -11.55
N GLU A 399 -24.74 -1.62 -11.52
CA GLU A 399 -23.31 -1.95 -11.59
C GLU A 399 -22.86 -2.68 -10.33
N MET A 400 -23.33 -2.25 -9.16
CA MET A 400 -22.92 -2.89 -7.91
C MET A 400 -23.39 -4.34 -7.89
N ILE A 401 -24.66 -4.55 -8.21
CA ILE A 401 -25.21 -5.88 -8.15
C ILE A 401 -24.57 -6.78 -9.20
N THR A 402 -24.36 -6.27 -10.40
CA THR A 402 -23.72 -7.10 -11.42
C THR A 402 -22.29 -7.50 -11.00
N ARG A 403 -21.58 -6.57 -10.38
CA ARG A 403 -20.21 -6.84 -9.93
C ARG A 403 -20.19 -7.86 -8.77
N ASP A 404 -21.13 -7.74 -7.83
CA ASP A 404 -20.96 -8.40 -6.52
C ASP A 404 -21.85 -9.59 -6.24
N LYS A 405 -22.80 -9.85 -7.14
CA LYS A 405 -23.83 -10.86 -6.86
C LYS A 405 -23.30 -12.26 -6.56
N ASN A 406 -22.15 -12.65 -7.13
CA ASN A 406 -21.69 -14.04 -6.98
C ASN A 406 -20.79 -14.29 -5.77
N HIS A 407 -20.60 -13.26 -4.94
CA HIS A 407 -19.88 -13.44 -3.68
C HIS A 407 -20.79 -14.10 -2.67
N PRO A 408 -20.39 -15.23 -2.05
CA PRO A 408 -21.25 -15.78 -1.01
C PRO A 408 -21.36 -14.83 0.19
N SER A 409 -20.34 -14.00 0.41
CA SER A 409 -20.42 -13.07 1.54
C SER A 409 -21.58 -12.07 1.43
N VAL A 410 -21.97 -11.69 0.21
CA VAL A 410 -22.95 -10.62 0.05
C VAL A 410 -24.34 -11.20 0.27
N ILE A 411 -24.94 -10.82 1.39
CA ILE A 411 -26.25 -11.39 1.78
C ILE A 411 -27.40 -10.39 1.68
N ALA A 412 -27.09 -9.13 1.39
CA ALA A 412 -28.10 -8.08 1.31
C ALA A 412 -27.57 -6.86 0.58
N TRP A 413 -28.49 -6.13 -0.05
CA TRP A 413 -28.16 -4.89 -0.71
C TRP A 413 -28.73 -3.75 0.11
N SER A 414 -27.91 -2.77 0.45
CA SER A 414 -28.42 -1.56 1.07
C SER A 414 -28.52 -0.48 0.00
N LEU A 415 -29.73 0.02 -0.22
CA LEU A 415 -29.97 0.90 -1.36
C LEU A 415 -30.00 2.38 -1.00
N PHE A 416 -29.80 2.72 0.27
CA PHE A 416 -29.76 4.12 0.68
C PHE A 416 -29.20 4.21 2.09
N ASN A 417 -28.67 5.39 2.43
CA ASN A 417 -28.35 5.72 3.82
C ASN A 417 -28.86 7.11 4.14
N GLU A 418 -29.93 7.11 4.93
CA GLU A 418 -30.59 8.30 5.45
C GLU A 418 -31.08 9.28 4.40
N PRO A 419 -31.94 8.84 3.47
CA PRO A 419 -32.65 9.76 2.59
C PRO A 419 -33.93 10.30 3.25
N GLU A 420 -34.63 11.20 2.54
CA GLU A 420 -36.01 11.54 2.86
C GLU A 420 -36.90 10.34 2.54
N THR A 421 -37.79 9.97 3.45
CA THR A 421 -38.66 8.80 3.18
C THR A 421 -40.11 9.04 3.57
N ILE A 422 -40.43 10.27 3.97
CA ILE A 422 -41.75 10.53 4.58
C ILE A 422 -42.78 11.12 3.60
N THR A 423 -42.47 11.12 2.30
CA THR A 423 -43.41 11.62 1.29
C THR A 423 -43.79 10.55 0.28
N ASP A 424 -44.95 10.72 -0.36
CA ASP A 424 -45.35 9.79 -1.40
C ASP A 424 -44.36 9.77 -2.55
N TYR A 425 -43.77 10.92 -2.84
CA TYR A 425 -42.81 10.98 -3.94
C TYR A 425 -41.54 10.19 -3.63
N ALA A 426 -41.08 10.21 -2.37
CA ALA A 426 -39.94 9.39 -1.98
C ALA A 426 -40.27 7.90 -2.15
N TYR A 427 -41.51 7.52 -1.87
CA TYR A 427 -41.91 6.15 -2.06
C TYR A 427 -41.82 5.75 -3.53
N GLU A 428 -42.27 6.62 -4.43
CA GLU A 428 -42.23 6.29 -5.86
C GLU A 428 -40.81 6.18 -6.38
N TYR A 429 -39.95 7.07 -5.89
CA TYR A 429 -38.53 7.05 -6.21
C TYR A 429 -37.92 5.73 -5.78
N PHE A 430 -38.11 5.36 -4.53
CA PHE A 430 -37.45 4.15 -4.04
C PHE A 430 -38.09 2.90 -4.58
N LYS A 431 -39.38 2.94 -4.91
CA LYS A 431 -39.98 1.79 -5.58
C LYS A 431 -39.23 1.47 -6.89
N GLU A 432 -38.83 2.50 -7.64
CA GLU A 432 -38.07 2.28 -8.87
C GLU A 432 -36.67 1.69 -8.62
N VAL A 433 -36.01 2.16 -7.56
CA VAL A 433 -34.68 1.64 -7.23
C VAL A 433 -34.77 0.17 -6.81
N PHE A 434 -35.72 -0.15 -5.95
CA PHE A 434 -35.84 -1.52 -5.48
C PHE A 434 -36.24 -2.46 -6.62
N ALA A 435 -37.08 -1.97 -7.54
CA ALA A 435 -37.49 -2.79 -8.67
C ALA A 435 -36.30 -3.07 -9.57
N ALA A 436 -35.45 -2.06 -9.79
CA ALA A 436 -34.22 -2.26 -10.56
C ALA A 436 -33.30 -3.27 -9.90
N ALA A 437 -33.13 -3.15 -8.59
CA ALA A 437 -32.27 -4.07 -7.89
C ALA A 437 -32.78 -5.51 -8.03
N GLU A 438 -34.09 -5.68 -7.95
CA GLU A 438 -34.69 -7.00 -8.05
C GLU A 438 -34.41 -7.61 -9.43
N THR A 439 -34.50 -6.77 -10.45
CA THR A 439 -34.27 -7.19 -11.83
C THR A 439 -32.83 -7.68 -12.04
N TYR A 440 -31.88 -7.05 -11.35
CA TYR A 440 -30.49 -7.36 -11.61
C TYR A 440 -29.92 -8.48 -10.73
N ASP A 441 -30.58 -8.77 -9.61
CA ASP A 441 -30.09 -9.82 -8.73
C ASP A 441 -30.76 -11.15 -9.01
N PHE A 442 -30.01 -12.03 -9.65
CA PHE A 442 -30.44 -13.39 -9.95
C PHE A 442 -30.93 -14.14 -8.70
N GLN A 443 -30.34 -13.83 -7.54
CA GLN A 443 -30.68 -14.49 -6.28
C GLN A 443 -31.87 -13.87 -5.55
N SER A 444 -32.27 -12.67 -5.96
CA SER A 444 -33.34 -11.94 -5.27
C SER A 444 -33.12 -11.94 -3.77
N ARG A 445 -31.91 -11.57 -3.35
CA ARG A 445 -31.57 -11.63 -1.92
C ARG A 445 -32.16 -10.41 -1.18
N PRO A 446 -32.12 -10.43 0.16
CA PRO A 446 -32.76 -9.35 0.91
C PRO A 446 -32.26 -7.94 0.54
N MET A 447 -33.21 -7.01 0.49
CA MET A 447 -32.91 -5.63 0.17
C MET A 447 -33.35 -4.75 1.31
N THR A 448 -32.58 -3.68 1.52
CA THR A 448 -32.79 -2.84 2.71
C THR A 448 -32.23 -1.44 2.43
N GLY A 449 -32.26 -0.58 3.44
CA GLY A 449 -31.53 0.69 3.41
C GLY A 449 -31.48 1.15 4.85
N ALA A 450 -30.57 2.07 5.19
CA ALA A 450 -30.51 2.57 6.55
C ALA A 450 -31.26 3.88 6.72
N PHE A 451 -32.12 3.90 7.74
CA PHE A 451 -32.99 5.04 8.03
C PHE A 451 -32.47 5.91 9.15
N GLU A 452 -32.49 7.22 8.96
CA GLU A 452 -32.30 8.18 10.06
C GLU A 452 -33.57 8.43 10.91
N LYS A 453 -33.39 9.05 12.06
CA LYS A 453 -34.45 9.11 13.05
C LYS A 453 -35.66 9.90 12.55
N ASN A 454 -35.44 10.80 11.60
CA ASN A 454 -36.55 11.61 11.06
C ASN A 454 -37.57 10.76 10.32
N SER A 455 -37.15 9.57 9.88
CA SER A 455 -38.09 8.61 9.28
C SER A 455 -38.87 7.95 10.40
N LYS A 456 -39.74 8.74 11.04
CA LYS A 456 -40.48 8.27 12.21
C LYS A 456 -41.41 7.13 11.84
N PRO A 457 -41.62 6.18 12.76
CA PRO A 457 -42.53 5.07 12.46
C PRO A 457 -43.91 5.55 11.97
N GLU A 458 -44.36 6.71 12.46
CA GLU A 458 -45.67 7.26 12.05
C GLU A 458 -45.67 7.96 10.69
N LEU A 459 -44.48 8.28 10.18
CA LEU A 459 -44.35 9.13 8.99
C LEU A 459 -43.70 8.42 7.78
N CYS A 460 -42.76 7.50 8.04
CA CYS A 460 -42.00 6.86 6.96
C CYS A 460 -42.90 6.09 6.01
N LYS A 461 -42.70 6.29 4.70
CA LYS A 461 -43.49 5.58 3.69
C LYS A 461 -42.70 4.48 2.99
N CYS A 462 -41.42 4.34 3.33
CA CYS A 462 -40.53 3.49 2.55
C CYS A 462 -40.11 2.18 3.24
N TYR A 463 -40.25 2.08 4.56
CA TYR A 463 -39.79 0.84 5.19
C TYR A 463 -40.53 -0.42 4.65
N PRO A 464 -41.80 -0.29 4.16
CA PRO A 464 -42.36 -1.53 3.59
C PRO A 464 -41.68 -2.08 2.32
N LEU A 465 -40.84 -1.28 1.64
CA LEU A 465 -40.07 -1.80 0.50
C LEU A 465 -38.95 -2.76 0.92
N CYS A 466 -38.59 -2.68 2.19
CA CYS A 466 -37.43 -3.42 2.71
C CYS A 466 -37.78 -4.81 3.20
N ASP A 467 -36.88 -5.76 2.97
CA ASP A 467 -37.05 -7.10 3.53
C ASP A 467 -36.68 -7.18 5.02
N PHE A 468 -35.74 -6.34 5.46
CA PHE A 468 -35.50 -6.10 6.88
C PHE A 468 -35.14 -4.63 7.00
N ILE A 469 -35.32 -4.07 8.21
CA ILE A 469 -35.18 -2.64 8.41
C ILE A 469 -33.89 -2.34 9.15
N CYS A 470 -33.09 -1.43 8.59
CA CYS A 470 -31.82 -0.98 9.19
C CYS A 470 -32.02 0.40 9.80
N LEU A 471 -31.71 0.56 11.09
CA LEU A 471 -31.86 1.86 11.73
C LEU A 471 -30.49 2.41 12.15
N ASN A 472 -30.26 3.68 11.86
CA ASN A 472 -29.13 4.44 12.40
C ASN A 472 -29.66 5.26 13.57
N ARG A 473 -29.15 5.03 14.77
CA ARG A 473 -29.64 5.80 15.92
C ARG A 473 -28.53 6.21 16.86
N TYR A 474 -28.70 7.41 17.42
CA TYR A 474 -27.67 7.98 18.28
C TYR A 474 -28.29 8.50 19.56
N TYR A 475 -29.19 7.70 20.14
CA TYR A 475 -29.70 7.98 21.47
C TYR A 475 -28.56 7.87 22.48
N GLY A 476 -28.20 9.01 23.09
CA GLY A 476 -27.07 9.05 24.00
C GLY A 476 -25.87 9.71 23.35
N TRP A 477 -25.99 10.09 22.08
CA TRP A 477 -24.95 10.95 21.50
C TRP A 477 -25.55 12.26 20.97
N TYR A 478 -26.22 12.23 19.82
CA TYR A 478 -26.84 13.44 19.28
C TYR A 478 -28.13 13.81 19.98
N ILE A 479 -28.78 12.81 20.57
CA ILE A 479 -30.01 12.96 21.35
C ILE A 479 -29.75 12.62 22.84
N SER A 480 -29.94 13.59 23.72
CA SER A 480 -29.86 13.38 25.15
C SER A 480 -28.56 12.68 25.57
N GLY A 481 -27.45 13.23 25.13
CA GLY A 481 -26.16 12.67 25.53
C GLY A 481 -25.71 13.03 26.94
N GLY A 482 -24.75 12.27 27.46
CA GLY A 482 -24.03 12.72 28.66
C GLY A 482 -24.92 12.64 29.89
N PRO A 483 -25.10 13.78 30.58
CA PRO A 483 -25.91 13.76 31.80
C PRO A 483 -27.36 13.36 31.53
N GLU A 484 -27.77 13.41 30.27
CA GLU A 484 -29.15 13.03 29.90
C GLU A 484 -29.29 11.61 29.39
N ILE A 485 -28.26 10.77 29.55
CA ILE A 485 -28.30 9.44 28.94
C ILE A 485 -29.47 8.59 29.46
N GLU A 486 -29.94 8.83 30.69
CA GLU A 486 -31.09 8.05 31.16
C GLU A 486 -32.34 8.44 30.36
N GLU A 487 -32.43 9.71 30.01
CA GLU A 487 -33.52 10.20 29.17
C GLU A 487 -33.37 9.62 27.76
N ALA A 488 -32.12 9.54 27.28
CA ALA A 488 -31.86 8.94 25.97
C ALA A 488 -32.39 7.52 25.90
N GLU A 489 -32.18 6.76 26.97
CA GLU A 489 -32.62 5.37 27.02
C GLU A 489 -34.14 5.33 26.98
N GLU A 490 -34.77 6.22 27.72
CA GLU A 490 -36.22 6.24 27.71
C GLU A 490 -36.78 6.61 26.35
N LEU A 491 -36.16 7.59 25.68
CA LEU A 491 -36.62 7.97 24.36
C LEU A 491 -36.43 6.82 23.35
N PHE A 492 -35.32 6.11 23.51
CA PHE A 492 -35.00 5.00 22.62
C PHE A 492 -36.07 3.91 22.79
N ARG A 493 -36.33 3.54 24.05
CA ARG A 493 -37.38 2.54 24.33
C ARG A 493 -38.75 3.03 23.84
N ASP A 494 -39.03 4.31 23.95
CA ASP A 494 -40.28 4.79 23.40
C ASP A 494 -40.40 4.56 21.90
N GLU A 495 -39.32 4.84 21.18
CA GLU A 495 -39.39 4.64 19.73
C GLU A 495 -39.53 3.15 19.42
N MET A 496 -38.77 2.32 20.10
CA MET A 496 -38.79 0.89 19.80
C MET A 496 -40.11 0.29 20.23
N ASP A 497 -40.73 0.82 21.29
CA ASP A 497 -42.10 0.38 21.62
C ASP A 497 -43.09 0.73 20.51
N ARG A 498 -42.91 1.86 19.87
CA ARG A 498 -43.77 2.21 18.74
C ARG A 498 -43.55 1.22 17.59
N TRP A 499 -42.29 0.91 17.29
CA TRP A 499 -42.04 -0.07 16.24
C TRP A 499 -42.62 -1.42 16.63
N LYS A 500 -42.47 -1.81 17.88
CA LYS A 500 -43.00 -3.08 18.37
C LYS A 500 -44.51 -3.16 18.17
N ALA A 501 -45.22 -2.08 18.49
CA ALA A 501 -46.68 -2.05 18.39
C ALA A 501 -47.17 -2.10 16.94
N LYS A 502 -46.29 -1.79 15.99
CA LYS A 502 -46.66 -1.94 14.58
C LYS A 502 -46.64 -3.40 14.14
N GLU A 503 -45.99 -4.27 14.92
CA GLU A 503 -45.97 -5.71 14.66
C GLU A 503 -45.70 -6.04 13.21
N LEU A 504 -44.61 -5.49 12.67
CA LEU A 504 -44.30 -5.62 11.26
C LEU A 504 -43.86 -7.03 10.88
N ASN A 505 -43.44 -7.81 11.87
CA ASN A 505 -42.88 -9.14 11.67
C ASN A 505 -41.71 -9.17 10.68
N VAL A 506 -40.84 -8.16 10.76
CA VAL A 506 -39.59 -8.15 9.99
C VAL A 506 -38.42 -7.98 10.95
N PRO A 507 -37.24 -8.46 10.56
CA PRO A 507 -36.06 -8.21 11.40
C PRO A 507 -35.66 -6.75 11.35
N PHE A 508 -35.17 -6.26 12.49
CA PHE A 508 -34.54 -4.96 12.58
C PHE A 508 -33.04 -5.16 12.85
N VAL A 509 -32.22 -4.40 12.16
CA VAL A 509 -30.77 -4.38 12.37
C VAL A 509 -30.37 -2.95 12.66
N PHE A 510 -29.64 -2.71 13.75
CA PHE A 510 -29.05 -1.39 13.96
C PHE A 510 -27.77 -1.31 13.20
N THR A 511 -27.76 -0.43 12.21
CA THR A 511 -26.61 -0.29 11.33
C THR A 511 -25.70 0.83 11.78
N GLU A 512 -26.13 1.69 12.70
CA GLU A 512 -25.21 2.68 13.28
C GLU A 512 -25.67 2.97 14.68
N PHE A 513 -24.69 3.11 15.56
CA PHE A 513 -24.84 3.66 16.91
C PHE A 513 -23.39 3.81 17.38
N GLY A 514 -23.09 4.90 18.08
CA GLY A 514 -21.72 5.11 18.54
C GLY A 514 -21.54 6.50 19.12
N THR A 515 -20.34 6.76 19.62
CA THR A 515 -20.00 8.06 20.25
C THR A 515 -18.62 8.49 19.79
N ASP A 516 -18.42 9.76 19.53
CA ASP A 516 -17.03 10.15 19.26
C ASP A 516 -16.24 9.95 20.52
N THR A 517 -15.05 9.36 20.35
CA THR A 517 -14.25 8.94 21.48
C THR A 517 -12.80 9.23 21.18
N MET A 518 -12.22 10.12 21.97
CA MET A 518 -10.80 10.38 21.76
C MET A 518 -9.92 9.41 22.51
N ALA A 519 -9.11 8.65 21.79
CA ALA A 519 -8.22 7.73 22.48
C ALA A 519 -7.41 8.48 23.53
N GLY A 520 -7.39 7.92 24.75
CA GLY A 520 -6.67 8.54 25.85
C GLY A 520 -7.41 9.53 26.70
N LEU A 521 -8.60 9.92 26.27
CA LEU A 521 -9.42 10.80 27.11
C LEU A 521 -10.19 9.93 28.11
N HIS A 522 -9.79 10.02 29.37
CA HIS A 522 -10.33 9.23 30.45
C HIS A 522 -11.02 10.16 31.44
N LYS A 523 -12.18 9.78 31.94
CA LYS A 523 -12.79 10.56 32.98
C LYS A 523 -13.68 9.68 33.85
N LEU A 524 -13.63 9.99 35.14
CA LEU A 524 -14.45 9.34 36.18
C LEU A 524 -15.13 10.41 37.03
N PRO A 525 -16.46 10.55 36.91
CA PRO A 525 -17.37 9.83 36.02
C PRO A 525 -17.17 10.25 34.57
N SER A 526 -17.65 9.40 33.67
CA SER A 526 -17.40 9.59 32.24
C SER A 526 -18.01 10.86 31.70
N ILE A 527 -17.42 11.37 30.63
CA ILE A 527 -18.00 12.47 29.86
C ILE A 527 -18.11 12.05 28.40
N MET A 528 -19.02 12.68 27.68
CA MET A 528 -19.03 12.58 26.23
C MET A 528 -17.63 12.87 25.72
N TRP A 529 -17.17 12.00 24.80
CA TRP A 529 -15.83 12.00 24.14
C TRP A 529 -14.81 11.13 24.87
N SER A 530 -15.11 10.71 26.10
CA SER A 530 -14.17 9.83 26.83
C SER A 530 -14.34 8.36 26.44
N GLU A 531 -13.28 7.58 26.68
CA GLU A 531 -13.34 6.14 26.44
C GLU A 531 -14.38 5.45 27.32
N GLU A 532 -14.55 5.95 28.56
CA GLU A 532 -15.50 5.31 29.47
C GLU A 532 -16.93 5.56 29.03
N TYR A 533 -17.21 6.75 28.51
CA TYR A 533 -18.57 7.02 28.03
C TYR A 533 -18.89 6.13 26.83
N GLN A 534 -17.92 5.87 25.97
CA GLN A 534 -18.16 4.98 24.82
C GLN A 534 -18.65 3.62 25.33
N LYS A 535 -17.98 3.11 26.36
CA LYS A 535 -18.41 1.83 26.99
C LYS A 535 -19.83 1.93 27.54
N GLU A 536 -20.12 3.01 28.27
CA GLU A 536 -21.43 3.10 28.95
C GLU A 536 -22.56 3.26 27.95
N TYR A 537 -22.29 4.05 26.92
CA TYR A 537 -23.22 4.22 25.82
C TYR A 537 -23.54 2.89 25.17
N LEU A 538 -22.51 2.11 24.89
CA LEU A 538 -22.72 0.83 24.23
C LEU A 538 -23.54 -0.08 25.14
N GLU A 539 -23.24 -0.09 26.43
CA GLU A 539 -23.97 -0.97 27.35
C GLU A 539 -25.44 -0.57 27.37
N MET A 540 -25.71 0.72 27.36
CA MET A 540 -27.11 1.18 27.36
C MET A 540 -27.82 0.73 26.09
N ASN A 541 -27.14 0.90 24.96
CA ASN A 541 -27.73 0.48 23.69
C ASN A 541 -28.01 -1.03 23.69
N PHE A 542 -27.09 -1.84 24.21
CA PHE A 542 -27.33 -3.28 24.24
C PHE A 542 -28.56 -3.62 25.07
N ARG A 543 -28.76 -2.91 26.19
CA ARG A 543 -29.91 -3.20 27.04
C ARG A 543 -31.20 -2.98 26.25
N VAL A 544 -31.21 -1.92 25.44
CA VAL A 544 -32.39 -1.64 24.61
C VAL A 544 -32.53 -2.69 23.52
N PHE A 545 -31.46 -2.95 22.76
CA PHE A 545 -31.49 -3.98 21.71
C PHE A 545 -32.11 -5.28 22.22
N ASP A 546 -31.62 -5.73 23.38
CA ASP A 546 -31.96 -7.04 23.93
C ASP A 546 -33.38 -7.08 24.50
N SER A 547 -34.07 -5.95 24.50
CA SER A 547 -35.44 -5.86 25.00
C SER A 547 -36.48 -6.18 23.93
N TYR A 548 -36.05 -6.37 22.69
CA TYR A 548 -36.99 -6.53 21.55
C TYR A 548 -36.62 -7.76 20.73
N GLU A 549 -37.56 -8.68 20.60
CA GLU A 549 -37.35 -9.95 19.92
C GLU A 549 -36.91 -9.72 18.48
N PHE A 550 -37.47 -8.69 17.85
CA PHE A 550 -37.30 -8.54 16.41
C PHE A 550 -35.95 -7.92 16.04
N VAL A 551 -35.18 -7.50 17.03
CA VAL A 551 -33.81 -7.03 16.73
C VAL A 551 -32.93 -8.23 16.42
N GLN A 552 -32.31 -8.24 15.28
CA GLN A 552 -31.61 -9.38 14.80
C GLN A 552 -30.18 -9.01 14.33
N GLY A 553 -29.74 -7.85 14.66
CA GLY A 553 -28.35 -7.51 14.38
C GLY A 553 -27.95 -6.15 14.87
N GLU A 554 -26.63 -6.01 15.05
CA GLU A 554 -26.05 -4.77 15.55
C GLU A 554 -24.70 -4.55 14.88
N LEU A 555 -24.61 -3.49 14.08
CA LEU A 555 -23.39 -3.09 13.39
C LEU A 555 -23.05 -1.71 13.91
N ALA A 556 -22.00 -1.64 14.71
CA ALA A 556 -21.62 -0.40 15.35
C ALA A 556 -21.00 0.59 14.37
N TRP A 557 -21.21 1.88 14.65
CA TRP A 557 -20.56 2.95 13.89
C TRP A 557 -19.42 3.49 14.73
N ASN A 558 -18.17 3.43 14.31
CA ASN A 558 -17.63 2.81 13.09
C ASN A 558 -16.57 1.79 13.55
N PHE A 559 -16.14 0.91 12.65
CA PHE A 559 -15.00 0.07 12.95
C PHE A 559 -13.78 0.88 13.38
N ALA A 560 -13.51 1.97 12.65
CA ALA A 560 -12.31 2.73 12.95
C ALA A 560 -12.51 4.20 12.68
N ASP A 561 -11.80 5.02 13.44
CA ASP A 561 -11.80 6.47 13.20
C ASP A 561 -11.45 6.75 11.74
N PHE A 562 -12.09 7.76 11.13
CA PHE A 562 -11.91 7.96 9.71
C PHE A 562 -12.01 9.43 9.34
N GLN A 563 -11.51 9.80 8.15
CA GLN A 563 -11.40 11.22 7.78
C GLN A 563 -12.73 11.81 7.33
N THR A 564 -12.96 13.05 7.75
CA THR A 564 -14.13 13.81 7.29
C THR A 564 -13.66 15.17 6.83
N THR A 565 -14.59 15.91 6.21
CA THR A 565 -14.43 17.36 6.05
C THR A 565 -14.09 18.00 7.40
N GLU A 566 -13.20 19.01 7.39
CA GLU A 566 -12.91 19.83 8.57
C GLU A 566 -14.13 20.57 9.06
N GLY A 567 -14.21 20.75 10.37
CA GLY A 567 -15.30 21.55 10.89
C GLY A 567 -15.28 21.62 12.40
N ILE A 568 -16.20 22.40 12.97
CA ILE A 568 -16.21 22.54 14.42
C ILE A 568 -16.74 21.29 15.12
N MET A 569 -17.22 20.32 14.36
CA MET A 569 -17.78 19.15 15.02
C MET A 569 -16.96 17.90 14.78
N ARG A 570 -15.85 18.06 14.10
CA ARG A 570 -15.01 16.92 13.75
C ARG A 570 -13.54 17.21 14.13
N VAL A 571 -13.04 16.46 15.10
CA VAL A 571 -11.70 16.69 15.63
C VAL A 571 -10.74 15.75 14.91
N ASP A 572 -10.19 16.20 13.78
CA ASP A 572 -9.42 15.31 12.90
C ASP A 572 -10.27 14.11 12.52
N GLY A 573 -11.35 14.42 11.82
CA GLY A 573 -12.25 13.40 11.32
C GLY A 573 -13.25 12.94 12.36
N ASN A 574 -13.80 11.77 12.09
CA ASN A 574 -14.84 11.16 12.91
C ASN A 574 -14.19 10.16 13.87
N HIS A 575 -14.44 10.34 15.17
CA HIS A 575 -13.82 9.50 16.19
C HIS A 575 -14.78 8.52 16.81
N LYS A 576 -15.82 8.16 16.07
CA LYS A 576 -16.68 7.10 16.58
C LYS A 576 -16.11 5.71 16.39
N GLY A 577 -14.87 5.60 15.92
CA GLY A 577 -14.28 4.27 15.81
C GLY A 577 -14.16 3.54 17.13
N VAL A 578 -14.31 2.24 17.02
CA VAL A 578 -14.01 1.33 18.14
C VAL A 578 -12.51 1.05 18.13
N PHE A 579 -11.91 1.14 16.94
CA PHE A 579 -10.48 1.16 16.76
C PHE A 579 -10.03 2.55 16.34
N THR A 580 -8.76 2.85 16.58
CA THR A 580 -8.16 4.08 16.06
C THR A 580 -7.95 3.95 14.56
N ARG A 581 -7.62 5.05 13.91
CA ARG A 581 -7.36 5.00 12.47
C ARG A 581 -6.19 4.08 12.11
N ASP A 582 -5.18 3.99 12.98
CA ASP A 582 -4.13 3.01 12.72
C ASP A 582 -4.44 1.62 13.32
N ARG A 583 -5.72 1.37 13.62
CA ARG A 583 -6.27 0.03 13.82
C ARG A 583 -5.86 -0.56 15.16
N GLN A 584 -5.94 0.26 16.22
CA GLN A 584 -5.68 -0.23 17.58
C GLN A 584 -6.91 -0.01 18.45
N PRO A 585 -7.18 -0.92 19.40
CA PRO A 585 -8.49 -0.89 20.08
C PRO A 585 -8.59 0.15 21.20
N LYS A 586 -9.68 0.90 21.18
CA LYS A 586 -10.05 1.70 22.34
C LYS A 586 -10.65 0.77 23.40
N ALA A 587 -11.00 1.31 24.57
CA ALA A 587 -11.52 0.42 25.64
C ALA A 587 -12.79 -0.31 25.22
N ALA A 588 -13.64 0.33 24.45
CA ALA A 588 -14.93 -0.26 24.05
C ALA A 588 -14.76 -1.51 23.18
N ALA A 589 -13.60 -1.69 22.55
CA ALA A 589 -13.45 -2.84 21.67
C ALA A 589 -13.61 -4.14 22.44
N VAL A 590 -13.16 -4.15 23.69
CA VAL A 590 -13.26 -5.36 24.51
C VAL A 590 -14.70 -5.63 24.89
N VAL A 591 -15.48 -4.55 24.98
CA VAL A 591 -16.90 -4.68 25.33
C VAL A 591 -17.61 -5.47 24.21
N PHE A 592 -17.31 -5.14 22.97
CA PHE A 592 -17.85 -5.91 21.86
C PHE A 592 -17.31 -7.33 21.83
N LYS A 593 -16.00 -7.50 22.02
CA LYS A 593 -15.41 -8.84 22.02
C LYS A 593 -16.13 -9.76 23.02
N ASP A 594 -16.32 -9.24 24.23
CA ASP A 594 -16.92 -10.07 25.27
C ASP A 594 -18.38 -10.39 24.96
N ARG A 595 -19.10 -9.40 24.42
CA ARG A 595 -20.52 -9.61 24.15
C ARG A 595 -20.74 -10.58 23.00
N TRP A 596 -19.93 -10.42 21.96
CA TRP A 596 -20.10 -11.19 20.73
C TRP A 596 -19.53 -12.60 20.82
N GLU A 597 -18.74 -12.84 21.86
CA GLU A 597 -18.28 -14.20 22.14
C GLU A 597 -19.50 -15.07 22.50
N LEU B 2 28.96 -10.80 -9.81
CA LEU B 2 27.87 -11.55 -9.28
C LEU B 2 27.37 -12.46 -10.33
N GLU B 3 26.71 -13.43 -9.86
CA GLU B 3 26.19 -14.58 -10.60
C GLU B 3 24.78 -14.37 -11.15
N TYR B 4 24.27 -13.16 -11.03
CA TYR B 4 22.94 -12.82 -11.52
C TYR B 4 22.96 -11.30 -11.74
N SER B 5 21.94 -10.79 -12.40
CA SER B 5 21.85 -9.34 -12.62
C SER B 5 21.10 -8.62 -11.50
N GLU B 6 21.59 -7.44 -11.12
CA GLU B 6 20.88 -6.57 -10.17
C GLU B 6 19.97 -5.56 -10.87
N LEU B 7 19.98 -5.54 -12.20
CA LEU B 7 19.29 -4.49 -12.94
C LEU B 7 17.78 -4.53 -12.67
N TYR B 8 17.20 -3.36 -12.48
CA TYR B 8 15.77 -3.27 -12.22
C TYR B 8 15.01 -3.82 -13.43
N PRO B 9 13.94 -4.56 -13.19
CA PRO B 9 13.25 -5.18 -14.34
C PRO B 9 12.44 -4.20 -15.19
N ILE B 10 12.49 -4.42 -16.51
CA ILE B 10 11.73 -3.60 -17.43
C ILE B 10 10.99 -4.47 -18.44
N GLN B 11 10.05 -3.85 -19.14
CA GLN B 11 9.19 -4.53 -20.08
C GLN B 11 9.37 -3.89 -21.44
N ASN B 12 9.81 -4.67 -22.42
CA ASN B 12 9.91 -4.19 -23.80
C ASN B 12 9.83 -5.37 -24.77
N GLU B 13 10.28 -5.17 -26.01
CA GLU B 13 10.21 -6.24 -27.01
C GLU B 13 11.06 -7.46 -26.66
N TYR B 14 12.05 -7.30 -25.79
CA TYR B 14 13.00 -8.37 -25.49
C TYR B 14 12.86 -8.95 -24.08
N ARG B 15 12.31 -8.12 -23.20
CA ARG B 15 12.20 -8.43 -21.77
C ARG B 15 10.77 -8.40 -21.28
N MET B 16 10.37 -9.42 -20.54
CA MET B 16 9.01 -9.44 -19.99
C MET B 16 9.00 -9.46 -18.48
N MET B 17 7.90 -8.97 -17.91
CA MET B 17 7.77 -9.02 -16.46
C MET B 17 6.30 -9.19 -16.08
N GLN B 18 6.10 -9.86 -14.97
CA GLN B 18 4.77 -10.06 -14.43
C GLN B 18 4.85 -9.96 -12.91
N SER B 19 3.99 -9.15 -12.32
CA SER B 19 4.00 -8.96 -10.86
C SER B 19 3.43 -10.14 -10.12
N LEU B 20 4.09 -10.56 -9.04
CA LEU B 20 3.54 -11.59 -8.17
C LEU B 20 3.01 -11.01 -6.89
N ASP B 21 2.91 -9.68 -6.82
CA ASP B 21 2.40 -9.03 -5.62
C ASP B 21 0.95 -9.45 -5.39
N GLY B 22 0.48 -9.43 -4.14
CA GLY B 22 -0.91 -9.74 -3.86
C GLY B 22 -1.00 -10.50 -2.56
N MET B 23 -2.03 -11.32 -2.43
CA MET B 23 -2.19 -12.18 -1.27
C MET B 23 -1.52 -13.51 -1.53
N TRP B 24 -0.47 -13.80 -0.77
CA TRP B 24 0.17 -15.09 -0.80
C TRP B 24 -0.34 -16.00 0.29
N LYS B 25 0.00 -17.28 0.17
CA LYS B 25 -0.21 -18.22 1.27
C LYS B 25 0.99 -18.17 2.20
N PHE B 26 0.75 -18.40 3.50
CA PHE B 26 1.77 -18.15 4.51
C PHE B 26 1.60 -19.12 5.66
N GLN B 27 2.69 -19.63 6.20
CA GLN B 27 2.57 -20.51 7.36
C GLN B 27 3.81 -20.44 8.25
N PHE B 28 3.59 -20.29 9.54
CA PHE B 28 4.69 -20.34 10.49
C PHE B 28 5.16 -21.79 10.67
N ASP B 29 6.46 -21.95 10.93
CA ASP B 29 7.06 -23.31 11.08
C ASP B 29 7.86 -23.41 12.37
N PRO B 30 7.16 -23.38 13.52
CA PRO B 30 7.85 -23.31 14.81
C PRO B 30 8.66 -24.58 15.09
N GLU B 31 8.22 -25.70 14.54
CA GLU B 31 8.92 -26.97 14.80
C GLU B 31 10.03 -27.26 13.78
N GLU B 32 10.18 -26.37 12.79
CA GLU B 32 11.23 -26.50 11.79
C GLU B 32 11.13 -27.84 11.07
N ILE B 33 9.91 -28.13 10.62
CA ILE B 33 9.65 -29.37 9.91
C ILE B 33 9.16 -29.19 8.47
N GLY B 34 9.05 -27.95 7.97
CA GLY B 34 8.54 -27.80 6.63
C GLY B 34 9.37 -28.49 5.56
N LYS B 35 10.70 -28.38 5.63
CA LYS B 35 11.53 -28.98 4.61
C LYS B 35 11.59 -30.49 4.80
N LYS B 36 11.24 -30.94 6.00
CA LYS B 36 11.12 -32.37 6.26
C LYS B 36 9.75 -32.94 5.83
N SER B 37 8.82 -32.09 5.45
CA SER B 37 7.40 -32.49 5.36
C SER B 37 6.75 -32.05 4.07
N GLY B 38 7.57 -31.75 3.06
CA GLY B 38 7.09 -31.50 1.71
C GLY B 38 6.54 -30.11 1.51
N TRP B 39 6.86 -29.17 2.40
CA TRP B 39 6.22 -27.84 2.26
C TRP B 39 6.68 -27.11 1.03
N GLU B 40 7.81 -27.52 0.44
CA GLU B 40 8.29 -26.87 -0.78
C GLU B 40 7.38 -27.19 -1.95
N ASN B 41 6.47 -28.15 -1.77
CA ASN B 41 5.46 -28.47 -2.77
C ASN B 41 4.09 -27.89 -2.46
N GLY B 42 4.02 -27.07 -1.40
CA GLY B 42 2.75 -26.49 -1.00
C GLY B 42 2.59 -26.54 0.50
N LEU B 43 2.11 -25.44 1.08
CA LEU B 43 1.92 -25.34 2.52
C LEU B 43 0.67 -26.07 2.96
N PRO B 44 0.75 -26.80 4.08
CA PRO B 44 -0.41 -27.66 4.43
C PRO B 44 -1.59 -26.94 5.07
N ALA B 45 -1.34 -25.83 5.75
CA ALA B 45 -2.43 -25.14 6.47
C ALA B 45 -2.18 -23.65 6.52
N PRO B 46 -2.12 -23.03 5.35
CA PRO B 46 -1.72 -21.62 5.30
C PRO B 46 -2.83 -20.64 5.68
N VAL B 47 -2.40 -19.42 5.98
CA VAL B 47 -3.28 -18.26 5.99
C VAL B 47 -2.85 -17.32 4.89
N SER B 48 -3.63 -16.26 4.65
CA SER B 48 -3.27 -15.28 3.63
C SER B 48 -2.31 -14.23 4.18
N MET B 49 -1.33 -13.82 3.38
CA MET B 49 -0.39 -12.77 3.77
C MET B 49 -0.14 -11.81 2.59
N PRO B 50 -0.34 -10.51 2.82
CA PRO B 50 -0.02 -9.52 1.77
C PRO B 50 1.45 -9.48 1.44
N VAL B 51 1.73 -9.34 0.15
CA VAL B 51 3.08 -9.08 -0.36
C VAL B 51 2.96 -7.93 -1.35
N PRO B 52 3.76 -6.88 -1.18
CA PRO B 52 4.80 -6.68 -0.16
C PRO B 52 4.28 -6.23 1.19
N SER B 53 4.88 -6.75 2.26
CA SER B 53 4.58 -6.26 3.63
C SER B 53 5.50 -6.97 4.61
N SER B 54 5.69 -6.38 5.79
CA SER B 54 6.19 -7.16 6.93
C SER B 54 5.01 -7.94 7.52
N PHE B 55 5.22 -9.16 8.01
CA PHE B 55 4.06 -9.91 8.51
C PHE B 55 3.61 -9.47 9.92
N ALA B 56 4.50 -8.87 10.71
CA ALA B 56 4.26 -8.82 12.16
C ALA B 56 3.00 -8.12 12.63
N ASP B 57 2.70 -6.95 12.08
CA ASP B 57 1.68 -6.10 12.69
C ASP B 57 0.25 -6.38 12.23
N PHE B 58 0.08 -7.41 11.42
CA PHE B 58 -1.29 -7.81 11.04
C PHE B 58 -2.00 -8.51 12.16
N PHE B 59 -1.26 -9.32 12.90
CA PHE B 59 -1.86 -10.25 13.83
C PHE B 59 -2.33 -9.59 15.12
N THR B 60 -3.23 -10.28 15.84
CA THR B 60 -3.73 -9.71 17.10
C THR B 60 -3.15 -10.40 18.34
N ASP B 61 -2.31 -11.40 18.13
CA ASP B 61 -1.72 -12.13 19.25
C ASP B 61 -0.21 -11.94 19.29
N HIS B 62 0.35 -11.93 20.50
CA HIS B 62 1.79 -11.68 20.67
C HIS B 62 2.67 -12.68 19.94
N LYS B 63 2.34 -13.97 20.05
CA LYS B 63 3.26 -14.99 19.56
C LYS B 63 3.43 -14.91 18.03
N GLU B 64 2.39 -14.50 17.32
CA GLU B 64 2.53 -14.34 15.87
C GLU B 64 3.30 -13.07 15.52
N ARG B 65 3.01 -11.98 16.24
CA ARG B 65 3.74 -10.73 16.00
C ARG B 65 5.23 -10.88 16.22
N ASP B 66 5.56 -11.58 17.30
CA ASP B 66 6.93 -11.71 17.75
C ASP B 66 7.61 -12.96 17.19
N TYR B 67 6.97 -13.62 16.23
CA TYR B 67 7.52 -14.89 15.73
C TYR B 67 8.95 -14.75 15.24
N CYS B 68 9.79 -15.68 15.69
CA CYS B 68 11.18 -15.72 15.30
C CYS B 68 11.52 -17.17 14.95
N GLY B 69 12.07 -17.38 13.76
CA GLY B 69 12.37 -18.73 13.29
C GLY B 69 12.08 -18.89 11.80
N ASP B 70 11.73 -20.12 11.42
CA ASP B 70 11.41 -20.43 10.03
C ASP B 70 9.93 -20.16 9.74
N PHE B 71 9.65 -19.58 8.57
CA PHE B 71 8.27 -19.37 8.13
C PHE B 71 8.25 -19.33 6.62
N TRP B 72 7.09 -19.62 6.07
CA TRP B 72 6.99 -19.95 4.64
C TRP B 72 5.96 -19.12 3.89
N TYR B 73 6.28 -18.86 2.63
CA TYR B 73 5.37 -18.19 1.71
C TYR B 73 5.15 -19.06 0.48
N GLU B 74 3.96 -18.93 -0.12
CA GLU B 74 3.65 -19.65 -1.36
C GLU B 74 2.73 -18.84 -2.26
N THR B 75 2.97 -18.87 -3.56
CA THR B 75 1.92 -18.40 -4.44
C THR B 75 1.98 -19.20 -5.74
N GLU B 76 0.95 -19.02 -6.56
CA GLU B 76 0.87 -19.64 -7.86
C GLU B 76 0.72 -18.54 -8.89
N PHE B 77 1.27 -18.77 -10.08
CA PHE B 77 1.13 -17.79 -11.16
C PHE B 77 1.07 -18.51 -12.50
N TYR B 78 0.33 -17.91 -13.44
CA TYR B 78 0.28 -18.46 -14.79
C TYR B 78 1.41 -17.84 -15.62
N LEU B 79 2.19 -18.68 -16.29
CA LEU B 79 3.30 -18.24 -17.11
C LEU B 79 2.88 -18.26 -18.55
N PRO B 80 2.94 -17.11 -19.23
CA PRO B 80 2.51 -17.11 -20.63
C PRO B 80 3.36 -18.04 -21.49
N ALA B 81 2.71 -18.72 -22.44
CA ALA B 81 3.41 -19.64 -23.32
C ALA B 81 4.55 -18.95 -24.10
N GLU B 82 4.37 -17.66 -24.40
CA GLU B 82 5.36 -16.96 -25.20
C GLU B 82 6.69 -16.76 -24.48
N TRP B 83 6.75 -17.05 -23.19
CA TRP B 83 8.03 -16.94 -22.47
C TRP B 83 8.90 -18.17 -22.64
N ARG B 84 8.42 -19.17 -23.40
CA ARG B 84 9.14 -20.41 -23.60
C ARG B 84 10.57 -20.19 -24.08
N ASN B 85 11.49 -20.93 -23.49
CA ASN B 85 12.96 -20.82 -23.73
C ASN B 85 13.47 -19.36 -23.79
N LYS B 86 13.00 -18.53 -22.86
CA LYS B 86 13.70 -17.31 -22.52
C LYS B 86 14.43 -17.70 -21.26
N LYS B 87 15.31 -16.84 -20.78
CA LYS B 87 15.83 -17.04 -19.43
C LYS B 87 14.80 -16.49 -18.44
N ILE B 88 14.25 -17.36 -17.60
CA ILE B 88 13.13 -16.99 -16.75
C ILE B 88 13.59 -16.93 -15.32
N TRP B 89 13.36 -15.79 -14.66
CA TRP B 89 13.83 -15.57 -13.30
C TRP B 89 12.71 -15.14 -12.36
N LEU B 90 12.75 -15.62 -11.13
CA LEU B 90 12.02 -14.97 -10.03
C LEU B 90 12.90 -13.87 -9.47
N ARG B 91 12.31 -12.68 -9.25
CA ARG B 91 13.10 -11.59 -8.71
C ARG B 91 12.39 -11.04 -7.50
N PHE B 92 13.02 -11.20 -6.34
CA PHE B 92 12.47 -10.70 -5.09
C PHE B 92 13.16 -9.40 -4.74
N GLY B 93 12.42 -8.35 -4.42
CA GLY B 93 13.09 -7.11 -4.02
C GLY B 93 13.96 -7.34 -2.79
N SER B 94 13.50 -8.23 -1.93
CA SER B 94 14.26 -8.70 -0.77
C SER B 94 13.54 -9.91 -0.18
N ILE B 95 14.28 -10.69 0.61
CA ILE B 95 13.74 -11.79 1.40
C ILE B 95 14.37 -11.63 2.78
N THR B 96 13.57 -11.32 3.79
CA THR B 96 14.14 -10.87 5.06
C THR B 96 13.99 -11.91 6.18
N HIS B 97 15.10 -12.47 6.73
CA HIS B 97 16.50 -12.07 6.49
C HIS B 97 17.26 -12.97 5.54
N ARG B 98 16.86 -14.22 5.49
CA ARG B 98 17.56 -15.23 4.69
C ARG B 98 16.52 -16.22 4.22
N GLY B 99 16.76 -16.89 3.10
CA GLY B 99 15.73 -17.80 2.64
C GLY B 99 16.21 -18.70 1.52
N THR B 100 15.39 -19.71 1.26
CA THR B 100 15.56 -20.59 0.10
C THR B 100 14.33 -20.52 -0.77
N VAL B 101 14.58 -20.31 -2.06
CA VAL B 101 13.53 -20.24 -3.07
C VAL B 101 13.36 -21.57 -3.77
N TYR B 102 12.12 -22.06 -3.78
CA TYR B 102 11.69 -23.25 -4.51
C TYR B 102 10.74 -22.87 -5.63
N CYS B 103 10.80 -23.58 -6.75
CA CYS B 103 9.84 -23.36 -7.81
C CYS B 103 9.46 -24.70 -8.39
N ASN B 104 8.15 -24.94 -8.48
CA ASN B 104 7.61 -26.24 -8.93
C ASN B 104 8.26 -27.41 -8.20
N GLY B 105 8.47 -27.21 -6.90
CA GLY B 105 9.00 -28.28 -6.05
C GLY B 105 10.50 -28.43 -6.04
N MET B 106 11.21 -27.62 -6.84
CA MET B 106 12.66 -27.73 -6.96
C MET B 106 13.39 -26.60 -6.24
N GLU B 107 14.44 -26.91 -5.51
CA GLU B 107 15.28 -25.89 -4.88
C GLU B 107 16.03 -25.10 -5.94
N ILE B 108 15.91 -23.76 -5.91
CA ILE B 108 16.53 -22.93 -6.92
C ILE B 108 17.76 -22.19 -6.42
N THR B 109 17.60 -21.42 -5.34
CA THR B 109 18.73 -20.66 -4.80
C THR B 109 18.45 -20.32 -3.35
N SER B 110 19.49 -19.89 -2.64
CA SER B 110 19.37 -19.42 -1.27
C SER B 110 20.06 -18.09 -1.17
N HIS B 111 19.64 -17.26 -0.22
CA HIS B 111 20.28 -15.95 -0.07
C HIS B 111 20.30 -15.57 1.40
N GLU B 112 21.41 -14.96 1.80
CA GLU B 112 21.58 -14.39 3.12
C GLU B 112 21.71 -12.88 3.02
N GLY B 113 20.85 -12.13 3.73
CA GLY B 113 20.89 -10.68 3.69
C GLY B 113 19.49 -10.20 3.29
N GLY B 114 18.85 -9.42 4.16
CA GLY B 114 17.42 -9.23 4.02
C GLY B 114 16.96 -7.94 3.36
N PHE B 115 17.87 -7.21 2.72
CA PHE B 115 17.53 -5.86 2.22
C PHE B 115 18.00 -5.60 0.80
N LEU B 116 18.29 -6.68 0.08
CA LEU B 116 18.74 -6.55 -1.31
C LEU B 116 18.13 -7.66 -2.18
N PRO B 117 18.10 -7.46 -3.51
CA PRO B 117 17.35 -8.40 -4.37
C PRO B 117 17.87 -9.82 -4.32
N VAL B 118 16.93 -10.74 -4.44
CA VAL B 118 17.23 -12.15 -4.60
C VAL B 118 16.76 -12.59 -5.98
N LEU B 119 17.67 -13.18 -6.77
CA LEU B 119 17.37 -13.60 -8.14
C LEU B 119 17.48 -15.11 -8.21
N ALA B 120 16.44 -15.73 -8.72
CA ALA B 120 16.38 -17.20 -8.78
C ALA B 120 16.09 -17.61 -10.22
N ASP B 121 17.05 -18.34 -10.81
CA ASP B 121 16.91 -18.77 -12.20
C ASP B 121 16.05 -20.01 -12.29
N ILE B 122 14.82 -19.85 -12.78
CA ILE B 122 13.87 -20.96 -12.90
C ILE B 122 13.74 -21.46 -14.33
N SER B 123 14.70 -21.10 -15.19
CA SER B 123 14.62 -21.47 -16.62
C SER B 123 14.41 -22.96 -16.84
N THR B 124 15.05 -23.79 -16.03
CA THR B 124 15.01 -25.23 -16.29
C THR B 124 13.81 -25.90 -15.65
N VAL B 125 13.08 -25.20 -14.77
CA VAL B 125 11.94 -25.81 -14.09
C VAL B 125 10.62 -25.13 -14.41
N ALA B 126 10.68 -23.95 -15.04
CA ALA B 126 9.47 -23.21 -15.40
C ALA B 126 8.60 -23.99 -16.37
N LYS B 127 7.30 -23.79 -16.26
CA LYS B 127 6.33 -24.45 -17.13
C LYS B 127 5.53 -23.40 -17.91
N PRO B 128 6.03 -23.04 -19.10
CA PRO B 128 5.32 -22.05 -19.90
C PRO B 128 3.93 -22.53 -20.33
N GLY B 129 2.98 -21.62 -20.31
CA GLY B 129 1.62 -21.95 -20.70
C GLY B 129 0.90 -22.78 -19.66
N GLN B 130 1.40 -22.73 -18.41
CA GLN B 130 0.81 -23.49 -17.31
C GLN B 130 0.87 -22.70 -16.01
N VAL B 131 0.13 -23.15 -15.00
CA VAL B 131 0.25 -22.62 -13.67
C VAL B 131 1.53 -23.14 -13.02
N ASN B 132 2.27 -22.22 -12.42
CA ASN B 132 3.53 -22.51 -11.73
C ASN B 132 3.40 -22.17 -10.26
N GLN B 133 4.27 -22.75 -9.44
CA GLN B 133 4.23 -22.53 -8.00
C GLN B 133 5.58 -22.03 -7.53
N VAL B 134 5.57 -21.03 -6.64
CA VAL B 134 6.79 -20.61 -5.94
C VAL B 134 6.56 -20.76 -4.44
N VAL B 135 7.54 -21.36 -3.76
CA VAL B 135 7.48 -21.48 -2.31
C VAL B 135 8.81 -20.94 -1.76
N VAL B 136 8.74 -20.13 -0.71
CA VAL B 136 9.94 -19.59 -0.13
C VAL B 136 9.99 -19.98 1.34
N LYS B 137 11.08 -20.60 1.75
CA LYS B 137 11.34 -20.77 3.17
C LYS B 137 12.17 -19.60 3.65
N ILE B 138 11.70 -18.89 4.68
CA ILE B 138 12.39 -17.73 5.20
C ILE B 138 12.75 -17.92 6.66
N ASN B 139 13.83 -17.30 7.09
CA ASN B 139 14.18 -17.30 8.50
C ASN B 139 14.56 -15.87 8.92
N ASN B 140 14.15 -15.47 10.12
CA ASN B 140 14.40 -14.09 10.57
C ASN B 140 15.18 -14.03 11.86
N GLU B 141 15.93 -15.10 12.16
CA GLU B 141 16.76 -15.07 13.36
C GLU B 141 17.92 -14.10 13.19
N LEU B 142 18.48 -13.68 14.31
CA LEU B 142 19.62 -12.78 14.32
C LEU B 142 20.81 -13.52 14.89
N ASN B 143 21.97 -13.27 14.32
CA ASN B 143 23.20 -13.89 14.80
C ASN B 143 24.39 -12.95 14.62
N GLU B 144 25.57 -13.49 14.85
CA GLU B 144 26.77 -12.67 14.81
C GLU B 144 27.63 -12.97 13.58
N THR B 145 27.04 -13.64 12.59
CA THR B 145 27.77 -13.91 11.35
C THR B 145 27.06 -13.38 10.12
N SER B 146 26.00 -12.60 10.33
CA SER B 146 25.25 -11.99 9.22
C SER B 146 24.70 -10.65 9.70
N LEU B 147 24.36 -9.76 8.75
CA LEU B 147 23.89 -8.41 9.06
C LEU B 147 22.39 -8.27 8.91
N PRO B 148 21.75 -7.52 9.81
CA PRO B 148 22.26 -6.83 10.99
C PRO B 148 22.41 -7.82 12.15
N CYS B 149 23.33 -7.55 13.06
CA CYS B 149 23.65 -8.54 14.09
C CYS B 149 22.73 -8.55 15.29
N GLY B 150 22.61 -9.73 15.88
CA GLY B 150 21.91 -9.87 17.15
C GLY B 150 22.01 -11.29 17.65
N ALA B 151 21.11 -11.65 18.55
CA ALA B 151 21.02 -12.99 19.11
C ALA B 151 19.60 -13.52 19.02
N THR B 152 19.46 -14.82 19.27
CA THR B 152 18.18 -15.46 19.34
C THR B 152 18.06 -16.11 20.71
N LYS B 153 17.01 -15.74 21.43
CA LYS B 153 16.76 -16.28 22.77
C LYS B 153 15.74 -17.39 22.66
N ILE B 154 15.94 -18.48 23.41
CA ILE B 154 14.92 -19.51 23.42
C ILE B 154 14.20 -19.54 24.77
N LEU B 155 12.88 -19.38 24.73
CA LEU B 155 12.08 -19.33 25.95
C LEU B 155 11.81 -20.74 26.43
N ASN B 156 11.22 -20.88 27.62
CA ASN B 156 11.13 -22.22 28.22
C ASN B 156 10.04 -23.09 27.62
N ASN B 157 9.85 -23.04 26.30
CA ASN B 157 9.04 -24.04 25.61
C ASN B 157 9.46 -24.18 24.16
N GLY B 158 10.70 -23.78 23.89
CA GLY B 158 11.24 -23.84 22.54
C GLY B 158 10.92 -22.62 21.69
N ARG B 159 10.08 -21.72 22.19
CA ARG B 159 9.73 -20.52 21.42
C ARG B 159 10.94 -19.57 21.30
N LYS B 160 11.24 -19.11 20.08
CA LYS B 160 12.36 -18.22 19.85
C LYS B 160 11.93 -16.75 19.90
N LEU B 161 12.85 -15.91 20.35
CA LEU B 161 12.63 -14.48 20.40
C LEU B 161 13.87 -13.82 19.84
N ALA B 162 13.68 -12.91 18.89
CA ALA B 162 14.81 -12.13 18.38
C ALA B 162 15.31 -11.13 19.42
N LYS B 163 16.64 -11.04 19.55
CA LYS B 163 17.26 -10.08 20.44
C LYS B 163 18.25 -9.22 19.68
N PRO B 164 17.75 -8.12 19.10
CA PRO B 164 18.62 -7.29 18.27
C PRO B 164 19.75 -6.61 19.03
N TYR B 165 20.85 -6.35 18.34
CA TYR B 165 21.89 -5.46 18.88
C TYR B 165 21.71 -4.08 18.26
N PHE B 166 20.53 -3.83 17.68
CA PHE B 166 20.24 -2.60 16.94
C PHE B 166 18.87 -2.08 17.40
N ASP B 167 18.64 -0.78 17.21
CA ASP B 167 17.46 -0.09 17.74
C ASP B 167 16.36 0.05 16.69
N PHE B 168 15.97 -1.06 16.09
CA PHE B 168 14.79 -1.04 15.23
C PHE B 168 14.16 -2.42 15.28
N PHE B 169 12.84 -2.45 15.12
CA PHE B 169 12.10 -3.70 15.27
C PHE B 169 12.50 -4.72 14.22
N ASN B 170 12.53 -6.00 14.59
CA ASN B 170 12.96 -7.05 13.65
C ASN B 170 11.84 -7.47 12.69
N TYR B 171 11.40 -6.52 11.86
CA TYR B 171 10.41 -6.78 10.83
C TYR B 171 11.01 -7.71 9.79
N SER B 172 10.18 -8.57 9.22
CA SER B 172 10.69 -9.57 8.29
C SER B 172 9.57 -10.10 7.39
N GLY B 173 9.95 -10.94 6.42
CA GLY B 173 8.97 -11.46 5.47
C GLY B 173 9.33 -11.07 4.05
N LEU B 174 8.34 -10.98 3.17
CA LEU B 174 8.53 -10.48 1.82
C LEU B 174 8.07 -9.01 1.79
N GLN B 175 9.00 -8.12 2.08
CA GLN B 175 8.68 -6.73 2.34
C GLN B 175 8.72 -5.87 1.10
N ARG B 176 9.12 -6.44 -0.05
CA ARG B 176 9.23 -5.70 -1.29
C ARG B 176 8.57 -6.48 -2.43
N SER B 177 8.36 -5.82 -3.57
CA SER B 177 7.68 -6.47 -4.68
C SER B 177 8.45 -7.68 -5.21
N VAL B 178 7.67 -8.59 -5.77
CA VAL B 178 8.20 -9.82 -6.34
C VAL B 178 7.73 -9.91 -7.79
N TRP B 179 8.62 -10.25 -8.69
CA TRP B 179 8.31 -10.35 -10.09
C TRP B 179 8.72 -11.72 -10.63
N VAL B 180 8.07 -12.16 -11.69
CA VAL B 180 8.69 -13.19 -12.53
C VAL B 180 9.00 -12.49 -13.84
N ILE B 181 10.20 -12.76 -14.38
CA ILE B 181 10.66 -12.00 -15.54
C ILE B 181 11.27 -12.96 -16.56
N ALA B 182 11.35 -12.49 -17.80
CA ALA B 182 11.90 -13.28 -18.90
C ALA B 182 12.89 -12.40 -19.66
N LEU B 183 14.10 -12.93 -19.83
CA LEU B 183 15.20 -12.21 -20.46
C LEU B 183 15.62 -12.99 -21.71
N PRO B 184 16.19 -12.29 -22.70
CA PRO B 184 16.75 -13.02 -23.84
C PRO B 184 17.95 -13.86 -23.44
N GLU B 185 18.26 -14.91 -24.21
CA GLU B 185 19.33 -15.83 -23.82
C GLU B 185 20.69 -15.14 -23.74
N GLU B 186 20.88 -14.12 -24.56
CA GLU B 186 22.03 -13.22 -24.43
C GLU B 186 21.53 -11.85 -24.00
N SER B 187 21.90 -11.42 -22.79
CA SER B 187 21.33 -10.20 -22.24
C SER B 187 22.36 -9.29 -21.58
N VAL B 188 21.94 -8.03 -21.41
CA VAL B 188 22.69 -7.09 -20.60
C VAL B 188 22.53 -7.43 -19.13
N LYS B 189 23.65 -7.72 -18.46
CA LYS B 189 23.65 -8.18 -17.09
C LYS B 189 23.96 -7.04 -16.10
N ASP B 190 24.82 -6.12 -16.54
CA ASP B 190 25.26 -5.02 -15.70
C ASP B 190 25.77 -3.92 -16.59
N TYR B 191 25.78 -2.70 -16.07
CA TYR B 191 26.53 -1.64 -16.71
C TYR B 191 26.90 -0.64 -15.63
N SER B 192 27.85 0.24 -15.92
CA SER B 192 28.29 1.25 -14.97
C SER B 192 28.52 2.54 -15.72
N VAL B 193 28.16 3.67 -15.12
CA VAL B 193 28.48 4.97 -15.69
C VAL B 193 29.28 5.82 -14.70
N ASP B 194 30.14 6.69 -15.25
CA ASP B 194 30.93 7.63 -14.45
C ASP B 194 30.97 8.91 -15.26
N TYR B 195 31.15 10.05 -14.62
CA TYR B 195 30.99 11.32 -15.32
C TYR B 195 32.21 12.23 -15.20
N GLU B 196 32.46 12.98 -16.27
CA GLU B 196 33.45 14.03 -16.23
C GLU B 196 32.88 15.29 -16.86
N LEU B 197 33.06 16.42 -16.18
CA LEU B 197 32.56 17.69 -16.65
C LEU B 197 33.65 18.42 -17.45
N CYS B 198 33.29 18.91 -18.64
CA CYS B 198 34.23 19.59 -19.53
C CYS B 198 33.64 20.91 -20.00
N GLY B 199 33.73 21.94 -19.17
CA GLY B 199 33.12 23.21 -19.48
C GLY B 199 31.62 23.06 -19.57
N THR B 200 31.05 23.34 -20.73
CA THR B 200 29.61 23.21 -20.89
C THR B 200 29.22 21.81 -21.37
N ASP B 201 30.23 20.99 -21.60
CA ASP B 201 30.00 19.64 -22.12
C ASP B 201 30.24 18.61 -21.03
N ALA B 202 29.86 17.37 -21.28
CA ALA B 202 30.12 16.32 -20.32
C ALA B 202 30.48 15.01 -21.00
N LEU B 203 31.22 14.17 -20.28
CA LEU B 203 31.55 12.83 -20.74
C LEU B 203 30.84 11.82 -19.85
N VAL B 204 30.16 10.86 -20.47
CA VAL B 204 29.61 9.74 -19.72
C VAL B 204 30.46 8.53 -20.07
N LYS B 205 31.33 8.14 -19.15
CA LYS B 205 32.15 6.96 -19.31
C LYS B 205 31.36 5.72 -18.92
N TYR B 206 31.42 4.65 -19.70
CA TYR B 206 30.60 3.48 -19.35
C TYR B 206 31.32 2.16 -19.57
N GLU B 207 30.84 1.12 -18.88
CA GLU B 207 31.17 -0.27 -19.16
C GLU B 207 29.87 -1.04 -19.20
N VAL B 208 29.80 -2.06 -20.05
CA VAL B 208 28.64 -2.94 -20.12
C VAL B 208 29.10 -4.38 -19.98
N VAL B 209 28.39 -5.17 -19.18
CA VAL B 209 28.64 -6.60 -19.07
C VAL B 209 27.44 -7.33 -19.64
N THR B 210 27.66 -8.18 -20.64
CA THR B 210 26.56 -9.00 -21.16
C THR B 210 26.86 -10.48 -20.94
N THR B 211 25.89 -11.33 -21.25
CA THR B 211 26.10 -12.77 -21.10
C THR B 211 26.53 -13.43 -22.42
N GLY B 212 26.99 -12.63 -23.37
CA GLY B 212 27.46 -13.18 -24.64
C GLY B 212 28.52 -12.35 -25.31
N GLU B 213 28.77 -12.63 -26.59
CA GLU B 213 29.87 -11.98 -27.28
C GLU B 213 29.43 -11.08 -28.43
N HIS B 214 28.13 -10.92 -28.64
CA HIS B 214 27.66 -10.01 -29.68
C HIS B 214 27.94 -8.54 -29.38
N PRO B 215 28.03 -7.70 -30.42
CA PRO B 215 28.34 -6.28 -30.29
C PRO B 215 27.29 -5.53 -29.47
N VAL B 216 27.75 -4.47 -28.83
CA VAL B 216 26.92 -3.58 -28.03
C VAL B 216 26.95 -2.16 -28.59
N ILE B 217 25.77 -1.55 -28.67
CA ILE B 217 25.62 -0.15 -29.05
C ILE B 217 25.01 0.56 -27.88
N VAL B 218 25.55 1.72 -27.53
CA VAL B 218 25.02 2.49 -26.40
C VAL B 218 24.58 3.85 -26.87
N ARG B 219 23.32 4.20 -26.55
CA ARG B 219 22.77 5.49 -26.90
C ARG B 219 22.40 6.25 -25.64
N LEU B 220 22.49 7.57 -25.73
CA LEU B 220 22.00 8.43 -24.67
C LEU B 220 20.91 9.35 -25.22
N LEU B 221 19.74 9.34 -24.59
CA LEU B 221 18.62 10.19 -24.98
C LEU B 221 18.41 11.27 -23.93
N ASP B 222 17.95 12.45 -24.35
CA ASP B 222 17.64 13.48 -23.36
C ASP B 222 16.25 13.25 -22.77
N ALA B 223 15.79 14.19 -21.95
CA ALA B 223 14.55 14.02 -21.20
C ALA B 223 13.33 13.90 -22.10
N GLU B 224 13.44 14.35 -23.34
CA GLU B 224 12.33 14.27 -24.26
C GLU B 224 12.54 13.17 -25.28
N GLY B 225 13.58 12.36 -25.08
CA GLY B 225 13.80 11.16 -25.88
C GLY B 225 14.56 11.40 -27.16
N GLU B 226 15.16 12.58 -27.31
CA GLU B 226 16.00 12.83 -28.48
C GLU B 226 17.42 12.32 -28.28
N LEU B 227 18.00 11.79 -29.36
CA LEU B 227 19.34 11.22 -29.33
C LEU B 227 20.36 12.32 -29.17
N VAL B 228 21.21 12.22 -28.13
CA VAL B 228 22.27 13.19 -27.95
C VAL B 228 23.69 12.60 -28.07
N ALA B 229 23.81 11.27 -27.97
CA ALA B 229 25.12 10.63 -28.15
C ALA B 229 24.95 9.15 -28.45
N GLU B 230 25.92 8.58 -29.17
CA GLU B 230 25.86 7.17 -29.54
C GLU B 230 27.28 6.64 -29.74
N THR B 231 27.56 5.45 -29.22
CA THR B 231 28.86 4.83 -29.38
C THR B 231 28.72 3.32 -29.49
N GLU B 232 29.78 2.68 -29.98
CA GLU B 232 29.79 1.24 -30.09
C GLU B 232 30.83 0.66 -29.14
N GLY B 233 30.50 -0.49 -28.56
CA GLY B 233 31.43 -1.22 -27.71
C GLY B 233 30.96 -1.38 -26.29
N LYS B 234 31.47 -2.41 -25.63
CA LYS B 234 31.13 -2.69 -24.22
C LYS B 234 31.81 -1.72 -23.25
N GLU B 235 32.84 -1.01 -23.72
CA GLU B 235 33.44 0.07 -22.96
C GLU B 235 33.55 1.29 -23.86
N GLY B 236 33.19 2.46 -23.34
CA GLY B 236 33.22 3.64 -24.19
C GLY B 236 33.00 4.94 -23.46
N ILE B 237 32.94 6.02 -24.23
CA ILE B 237 32.63 7.35 -23.72
C ILE B 237 31.56 7.99 -24.58
N LEU B 238 30.50 8.47 -23.94
CA LEU B 238 29.48 9.22 -24.64
C LEU B 238 29.77 10.70 -24.46
N GLN B 239 29.87 11.44 -25.56
CA GLN B 239 30.13 12.88 -25.47
C GLN B 239 28.83 13.66 -25.55
N VAL B 240 28.59 14.47 -24.53
CA VAL B 240 27.36 15.22 -24.43
C VAL B 240 27.58 16.72 -24.51
N ALA B 241 27.19 17.29 -25.65
CA ALA B 241 27.30 18.73 -25.85
C ALA B 241 26.26 19.48 -25.02
N ASN B 242 26.70 20.54 -24.35
CA ASN B 242 25.78 21.39 -23.61
C ASN B 242 24.94 20.60 -22.62
N ALA B 243 25.62 19.73 -21.89
CA ALA B 243 24.98 18.82 -20.96
C ALA B 243 24.12 19.55 -19.96
N ARG B 244 22.95 18.98 -19.67
CA ARG B 244 22.07 19.51 -18.64
C ARG B 244 22.30 18.70 -17.37
N LEU B 245 23.09 19.25 -16.44
CA LEU B 245 23.54 18.49 -15.31
C LEU B 245 22.40 18.22 -14.34
N TRP B 246 22.52 17.07 -13.67
CA TRP B 246 21.64 16.73 -12.55
C TRP B 246 22.11 17.56 -11.36
N GLU B 247 21.23 18.40 -10.82
CA GLU B 247 21.59 19.32 -9.73
C GLU B 247 20.79 19.05 -8.48
N VAL B 248 21.33 19.46 -7.34
CA VAL B 248 20.64 19.28 -6.06
C VAL B 248 19.29 19.99 -6.06
N ARG B 249 18.24 19.23 -5.75
CA ARG B 249 16.88 19.76 -5.77
C ARG B 249 16.56 20.38 -7.12
N ASN B 250 17.12 19.84 -8.19
CA ASN B 250 16.86 20.35 -9.52
C ASN B 250 17.37 19.33 -10.52
N ALA B 251 16.70 18.19 -10.52
CA ALA B 251 17.17 17.04 -11.28
C ALA B 251 16.96 17.23 -12.77
N TYR B 252 17.81 16.57 -13.54
CA TYR B 252 17.57 16.34 -14.96
C TYR B 252 18.06 14.94 -15.25
N LEU B 253 17.27 14.15 -15.96
CA LEU B 253 17.65 12.79 -16.22
C LEU B 253 17.69 12.48 -17.72
N TYR B 254 18.82 11.95 -18.15
CA TYR B 254 18.96 11.36 -19.47
C TYR B 254 18.54 9.92 -19.40
N GLN B 255 18.38 9.30 -20.58
CA GLN B 255 18.05 7.89 -20.65
C GLN B 255 19.17 7.15 -21.36
N ILE B 256 19.80 6.19 -20.69
CA ILE B 256 20.81 5.37 -21.37
C ILE B 256 20.11 4.17 -21.98
N VAL B 257 20.50 3.83 -23.20
CA VAL B 257 19.87 2.75 -23.94
C VAL B 257 20.98 1.84 -24.40
N ILE B 258 20.96 0.60 -23.92
CA ILE B 258 22.03 -0.34 -24.21
C ILE B 258 21.46 -1.46 -25.08
N LEU B 259 22.02 -1.62 -26.29
CA LEU B 259 21.50 -2.60 -27.24
C LEU B 259 22.53 -3.68 -27.50
N ILE B 260 22.11 -4.94 -27.52
CA ILE B 260 22.97 -6.00 -28.02
C ILE B 260 22.53 -6.26 -29.45
N THR B 261 23.45 -6.28 -30.38
CA THR B 261 23.01 -6.40 -31.75
C THR B 261 23.65 -7.61 -32.42
N ASP B 262 23.03 -8.05 -33.48
CA ASP B 262 23.60 -9.12 -34.27
C ASP B 262 23.02 -9.07 -35.64
N GLY B 263 23.87 -8.64 -36.56
CA GLY B 263 23.44 -8.28 -37.89
C GLY B 263 23.17 -6.79 -37.91
N ASN B 264 22.04 -6.25 -38.39
CA ASN B 264 20.73 -6.84 -38.77
C ASN B 264 19.75 -6.43 -37.67
N GLY B 265 19.70 -7.20 -36.60
CA GLY B 265 18.68 -6.99 -35.59
C GLY B 265 19.18 -6.79 -34.18
N VAL B 266 18.25 -6.56 -33.27
CA VAL B 266 18.54 -6.34 -31.86
C VAL B 266 18.23 -7.61 -31.06
N LEU B 267 19.13 -7.99 -30.16
CA LEU B 267 18.97 -9.18 -29.32
C LEU B 267 18.41 -8.83 -27.93
N ASP B 268 18.78 -7.66 -27.44
CA ASP B 268 18.35 -7.21 -26.11
C ASP B 268 18.43 -5.70 -26.09
N GLU B 269 17.63 -5.10 -25.22
CA GLU B 269 17.68 -3.67 -25.00
C GLU B 269 17.45 -3.44 -23.51
N TYR B 270 18.35 -2.71 -22.88
CA TYR B 270 18.12 -2.24 -21.51
C TYR B 270 18.13 -0.71 -21.50
N ARG B 271 17.16 -0.11 -20.78
CA ARG B 271 17.05 1.34 -20.67
C ARG B 271 16.91 1.72 -19.21
N GLU B 272 17.51 2.83 -18.83
CA GLU B 272 17.42 3.33 -17.45
C GLU B 272 17.70 4.82 -17.44
N LYS B 273 17.06 5.55 -16.53
CA LYS B 273 17.33 6.98 -16.38
C LYS B 273 18.58 7.19 -15.54
N ILE B 274 19.47 8.07 -16.00
CA ILE B 274 20.68 8.41 -15.26
C ILE B 274 20.82 9.94 -15.21
N GLY B 275 21.65 10.44 -14.31
CA GLY B 275 21.83 11.89 -14.17
C GLY B 275 23.31 12.22 -14.20
N ILE B 276 23.66 13.23 -15.02
CA ILE B 276 25.05 13.61 -15.17
C ILE B 276 25.45 14.53 -14.03
N ARG B 277 26.31 14.02 -13.18
CA ARG B 277 26.72 14.73 -11.99
C ARG B 277 28.03 14.22 -11.44
N THR B 278 28.82 15.11 -10.81
CA THR B 278 30.03 14.64 -10.12
C THR B 278 29.95 14.95 -8.65
N VAL B 279 30.55 14.08 -7.84
CA VAL B 279 30.68 14.33 -6.41
C VAL B 279 32.13 14.04 -6.04
N ARG B 280 32.72 14.94 -5.27
CA ARG B 280 34.03 14.68 -4.73
C ARG B 280 34.27 15.46 -3.45
N ILE B 281 35.23 14.99 -2.67
CA ILE B 281 35.62 15.65 -1.45
C ILE B 281 36.87 16.44 -1.78
N GLU B 282 36.87 17.73 -1.46
CA GLU B 282 38.05 18.56 -1.63
C GLU B 282 38.30 19.33 -0.34
N GLY B 283 39.36 18.96 0.37
CA GLY B 283 39.61 19.58 1.67
C GLY B 283 38.43 19.27 2.57
N THR B 284 37.92 20.29 3.25
CA THR B 284 36.79 20.07 4.17
C THR B 284 35.45 20.28 3.47
N LYS B 285 35.44 20.29 2.14
CA LYS B 285 34.21 20.53 1.38
C LYS B 285 33.70 19.32 0.64
N ILE B 286 32.36 19.22 0.52
CA ILE B 286 31.73 18.25 -0.35
C ILE B 286 31.29 18.99 -1.60
N LEU B 287 31.82 18.57 -2.75
CA LEU B 287 31.52 19.24 -4.01
C LEU B 287 30.57 18.44 -4.88
N LEU B 288 29.51 19.08 -5.31
CA LEU B 288 28.59 18.51 -6.24
C LEU B 288 28.64 19.34 -7.50
N ASN B 289 29.03 18.73 -8.59
CA ASN B 289 29.29 19.47 -9.85
C ASN B 289 30.22 20.66 -9.61
N ASP B 290 31.28 20.41 -8.85
CA ASP B 290 32.33 21.41 -8.62
C ASP B 290 31.92 22.56 -7.70
N ARG B 291 30.76 22.45 -7.05
CA ARG B 291 30.36 23.51 -6.12
C ARG B 291 30.06 22.91 -4.75
N PRO B 292 30.45 23.61 -3.68
CA PRO B 292 30.21 23.08 -2.34
C PRO B 292 28.73 22.91 -2.05
N VAL B 293 28.41 21.81 -1.38
CA VAL B 293 27.05 21.58 -0.90
C VAL B 293 27.11 21.22 0.59
N TYR B 294 26.16 21.75 1.34
CA TYR B 294 26.07 21.44 2.77
C TYR B 294 24.90 20.48 2.91
N LEU B 295 25.11 19.30 3.47
CA LEU B 295 24.01 18.31 3.53
C LEU B 295 22.99 18.69 4.60
N LYS B 296 21.72 18.62 4.25
CA LYS B 296 20.64 19.01 5.16
C LYS B 296 19.57 17.94 5.05
N GLY B 297 19.27 17.23 6.12
CA GLY B 297 18.21 16.23 5.99
C GLY B 297 18.17 15.32 7.20
N PHE B 298 17.95 14.04 6.93
CA PHE B 298 17.59 13.07 7.97
C PHE B 298 18.17 11.71 7.72
N GLY B 299 18.33 10.95 8.80
CA GLY B 299 18.27 9.49 8.69
C GLY B 299 16.78 9.09 8.66
N LYS B 300 16.45 8.09 7.84
CA LYS B 300 15.08 7.60 7.74
C LYS B 300 15.01 6.16 8.21
N HIS B 301 13.89 5.52 7.96
CA HIS B 301 13.74 4.07 8.08
C HIS B 301 12.75 3.67 7.02
N GLU B 302 12.70 2.40 6.67
CA GLU B 302 11.51 1.91 5.95
C GLU B 302 10.54 1.45 7.01
N ASP B 303 9.55 2.28 7.33
CA ASP B 303 8.72 2.04 8.50
C ASP B 303 7.43 2.83 8.37
N PHE B 304 6.29 2.16 8.56
CA PHE B 304 4.99 2.79 8.39
C PHE B 304 3.98 1.95 9.14
N PRO B 305 2.90 2.57 9.64
CA PRO B 305 1.93 1.75 10.37
C PRO B 305 1.35 0.60 9.56
N ILE B 306 1.25 -0.53 10.25
CA ILE B 306 0.72 -1.81 9.76
C ILE B 306 1.61 -2.51 8.71
N LEU B 307 2.06 -1.78 7.69
CA LEU B 307 2.90 -2.36 6.64
C LEU B 307 4.31 -2.71 7.15
N GLY B 308 4.72 -2.13 8.27
CA GLY B 308 6.09 -2.37 8.72
C GLY B 308 7.09 -1.75 7.76
N ARG B 309 7.99 -2.57 7.22
CA ARG B 309 8.91 -2.09 6.18
C ARG B 309 8.38 -2.32 4.77
N GLY B 310 7.12 -2.74 4.67
CA GLY B 310 6.58 -3.04 3.36
C GLY B 310 6.60 -1.82 2.43
N PHE B 311 7.04 -2.03 1.20
CA PHE B 311 7.12 -0.93 0.26
C PHE B 311 5.76 -0.44 -0.24
N HIS B 312 5.60 0.87 -0.35
CA HIS B 312 4.41 1.44 -0.99
C HIS B 312 4.81 2.80 -1.54
N TRP B 313 4.47 3.07 -2.80
CA TRP B 313 4.80 4.36 -3.39
C TRP B 313 4.17 5.52 -2.63
N GLY B 314 3.06 5.30 -1.93
CA GLY B 314 2.43 6.36 -1.17
C GLY B 314 3.30 6.86 -0.03
N ILE B 315 4.04 5.95 0.56
CA ILE B 315 4.96 6.35 1.65
C ILE B 315 6.08 7.19 1.04
N VAL B 316 6.58 6.76 -0.12
CA VAL B 316 7.59 7.56 -0.82
C VAL B 316 7.09 8.97 -1.12
N LYS B 317 5.88 9.06 -1.68
CA LYS B 317 5.35 10.37 -2.07
C LYS B 317 5.20 11.30 -0.85
N ARG B 318 4.54 10.82 0.22
CA ARG B 318 4.37 11.65 1.41
C ARG B 318 5.71 12.07 1.98
N ASP B 319 6.62 11.12 2.08
CA ASP B 319 7.89 11.40 2.73
C ASP B 319 8.67 12.45 1.92
N PHE B 320 8.70 12.32 0.60
CA PHE B 320 9.39 13.35 -0.16
C PHE B 320 8.70 14.72 -0.10
N GLU B 321 7.36 14.77 -0.06
CA GLU B 321 6.70 16.06 0.10
C GLU B 321 7.10 16.69 1.44
N CYS B 322 7.20 15.87 2.48
CA CYS B 322 7.63 16.38 3.79
C CYS B 322 9.07 16.85 3.76
N LEU B 323 9.94 16.05 3.15
CA LEU B 323 11.35 16.43 3.02
C LEU B 323 11.49 17.77 2.31
N LYS B 324 10.79 17.90 1.19
CA LYS B 324 10.87 19.18 0.44
C LYS B 324 10.37 20.36 1.28
N TRP B 325 9.29 20.16 2.04
CA TRP B 325 8.71 21.20 2.88
C TRP B 325 9.73 21.66 3.94
N THR B 326 10.55 20.74 4.45
CA THR B 326 11.62 21.13 5.40
C THR B 326 12.83 21.80 4.72
N ASN B 327 12.86 21.83 3.38
CA ASN B 327 14.01 22.34 2.61
C ASN B 327 15.26 21.45 2.73
N ALA B 328 15.06 20.17 3.04
CA ALA B 328 16.14 19.19 3.04
C ALA B 328 16.67 18.95 1.63
N ASN B 329 17.90 18.46 1.56
CA ASN B 329 18.46 17.98 0.30
C ASN B 329 19.04 16.58 0.33
N CYS B 330 18.95 15.91 1.48
CA CYS B 330 19.70 14.66 1.64
C CYS B 330 19.03 13.71 2.64
N PHE B 331 19.12 12.41 2.40
CA PHE B 331 18.92 11.47 3.50
C PHE B 331 19.87 10.30 3.40
N ARG B 332 20.04 9.64 4.54
CA ARG B 332 20.81 8.41 4.67
C ARG B 332 19.83 7.26 4.77
N THR B 333 20.12 6.15 4.07
CA THR B 333 19.25 4.97 4.19
C THR B 333 19.62 4.17 5.43
N SER B 334 19.48 4.82 6.58
CA SER B 334 19.70 4.12 7.83
C SER B 334 18.65 3.00 8.00
N HIS B 335 19.04 1.79 8.40
CA HIS B 335 20.41 1.29 8.46
C HIS B 335 20.51 0.06 7.55
N TYR B 336 20.09 0.20 6.30
CA TYR B 336 20.04 -0.92 5.36
C TYR B 336 19.65 -0.31 4.01
N PRO B 337 20.01 -0.97 2.91
CA PRO B 337 19.56 -0.42 1.63
C PRO B 337 18.05 -0.47 1.56
N TYR B 338 17.46 0.55 0.97
CA TYR B 338 16.00 0.62 0.90
C TYR B 338 15.53 -0.02 -0.41
N ALA B 339 14.23 -0.16 -0.54
CA ALA B 339 13.69 -0.57 -1.85
C ALA B 339 14.19 0.37 -2.95
N GLU B 340 14.40 -0.20 -4.14
CA GLU B 340 15.00 0.52 -5.27
C GLU B 340 14.21 1.74 -5.63
N GLU B 341 12.91 1.65 -5.46
CA GLU B 341 12.03 2.75 -5.83
C GLU B 341 12.34 4.03 -5.07
N TRP B 342 12.90 3.94 -3.85
CA TRP B 342 13.27 5.16 -3.12
C TRP B 342 14.34 5.96 -3.86
N TYR B 343 15.28 5.23 -4.45
CA TYR B 343 16.38 5.88 -5.18
C TYR B 343 15.92 6.42 -6.52
N GLN B 344 15.06 5.67 -7.20
CA GLN B 344 14.45 6.15 -8.44
C GLN B 344 13.79 7.50 -8.19
N PHE B 345 13.11 7.62 -7.05
CA PHE B 345 12.39 8.85 -6.81
C PHE B 345 13.32 9.97 -6.38
N ALA B 346 14.33 9.65 -5.57
CA ALA B 346 15.35 10.66 -5.25
C ALA B 346 16.03 11.18 -6.51
N ASP B 347 16.22 10.31 -7.51
CA ASP B 347 16.81 10.74 -8.77
C ASP B 347 15.94 11.81 -9.41
N GLU B 348 14.63 11.59 -9.34
CA GLU B 348 13.66 12.51 -9.96
C GLU B 348 13.54 13.83 -9.21
N GLU B 349 13.72 13.78 -7.91
CA GLU B 349 13.50 14.93 -7.04
C GLU B 349 14.79 15.65 -6.68
N GLY B 350 15.92 15.15 -7.17
CA GLY B 350 17.17 15.85 -6.90
C GLY B 350 17.68 15.72 -5.46
N PHE B 351 17.33 14.63 -4.78
CA PHE B 351 17.85 14.41 -3.42
C PHE B 351 19.15 13.63 -3.43
N LEU B 352 20.00 13.96 -2.47
CA LEU B 352 21.28 13.30 -2.26
C LEU B 352 21.08 12.16 -1.27
N ILE B 353 21.62 10.99 -1.58
CA ILE B 353 21.50 9.83 -0.71
C ILE B 353 22.88 9.30 -0.27
N ILE B 354 22.99 9.03 1.03
CA ILE B 354 24.07 8.24 1.58
C ILE B 354 23.49 6.83 1.75
N ASP B 355 24.01 5.88 0.98
CA ASP B 355 23.44 4.53 0.88
C ASP B 355 24.15 3.64 1.88
N GLU B 356 23.41 3.03 2.79
CA GLU B 356 24.03 2.35 3.92
C GLU B 356 23.78 0.85 3.95
N VAL B 357 24.85 0.08 4.12
CA VAL B 357 24.80 -1.38 4.23
C VAL B 357 24.38 -1.72 5.68
N PRO B 358 23.75 -2.91 5.91
CA PRO B 358 23.14 -3.11 7.25
C PRO B 358 24.13 -3.48 8.34
N ALA B 359 25.28 -2.81 8.35
CA ALA B 359 26.37 -3.15 9.27
C ALA B 359 26.18 -2.43 10.58
N VAL B 360 25.16 -2.87 11.30
CA VAL B 360 24.77 -2.25 12.54
C VAL B 360 24.66 -3.42 13.52
N GLY B 361 25.00 -3.16 14.78
CA GLY B 361 24.89 -4.18 15.81
C GLY B 361 26.21 -4.88 16.04
N MET B 362 27.28 -4.24 15.58
CA MET B 362 28.62 -4.77 15.82
C MET B 362 29.20 -4.08 17.06
N ALA B 383 36.19 -12.57 18.10
CA ALA B 383 35.58 -13.89 18.10
C ALA B 383 35.77 -14.61 16.76
N LEU B 384 35.70 -15.94 16.81
CA LEU B 384 35.91 -16.82 15.67
C LEU B 384 34.83 -16.66 14.61
N THR B 385 33.80 -15.90 14.95
CA THR B 385 32.70 -15.65 14.05
C THR B 385 32.99 -14.47 13.14
N VAL B 386 33.95 -13.65 13.53
CA VAL B 386 34.23 -12.43 12.79
C VAL B 386 34.65 -12.68 11.33
N PRO B 387 35.46 -13.73 11.04
CA PRO B 387 35.73 -13.96 9.62
C PRO B 387 34.49 -14.27 8.78
N GLU B 388 33.51 -14.97 9.35
CA GLU B 388 32.27 -15.23 8.62
C GLU B 388 31.45 -13.94 8.50
N LEU B 389 31.44 -13.15 9.56
CA LEU B 389 30.75 -11.84 9.52
C LEU B 389 31.34 -10.94 8.43
N LEU B 390 32.66 -10.93 8.30
CA LEU B 390 33.30 -10.12 7.30
C LEU B 390 32.86 -10.54 5.89
N LYS B 391 32.73 -11.84 5.66
CA LYS B 391 32.32 -12.35 4.35
C LYS B 391 30.90 -11.85 4.04
N SER B 392 30.05 -11.90 5.06
CA SER B 392 28.66 -11.44 4.89
C SER B 392 28.61 -9.95 4.58
N HIS B 393 29.38 -9.19 5.34
CA HIS B 393 29.45 -7.73 5.20
C HIS B 393 29.96 -7.34 3.82
N ILE B 394 31.02 -8.02 3.34
CA ILE B 394 31.54 -7.74 2.02
C ILE B 394 30.52 -8.12 0.93
N ALA B 395 29.84 -9.24 1.07
CA ALA B 395 28.80 -9.62 0.13
C ALA B 395 27.67 -8.60 0.03
N ASP B 396 27.17 -8.13 1.18
CA ASP B 396 26.10 -7.14 1.19
C ASP B 396 26.59 -5.83 0.55
N THR B 397 27.85 -5.48 0.80
CA THR B 397 28.44 -4.27 0.23
C THR B 397 28.51 -4.36 -1.31
N GLU B 398 28.96 -5.51 -1.81
CA GLU B 398 29.04 -5.76 -3.23
C GLU B 398 27.67 -5.70 -3.89
N GLU B 399 26.69 -6.32 -3.25
CA GLU B 399 25.33 -6.31 -3.81
C GLU B 399 24.74 -4.88 -3.81
N MET B 400 24.92 -4.14 -2.71
CA MET B 400 24.39 -2.78 -2.64
C MET B 400 24.99 -1.90 -3.71
N ILE B 401 26.31 -1.92 -3.83
CA ILE B 401 26.95 -1.03 -4.79
C ILE B 401 26.59 -1.43 -6.21
N THR B 402 26.56 -2.73 -6.51
CA THR B 402 26.20 -3.15 -7.85
C THR B 402 24.74 -2.71 -8.18
N ARG B 403 23.86 -2.80 -7.18
CA ARG B 403 22.47 -2.43 -7.41
C ARG B 403 22.31 -0.92 -7.61
N ASP B 404 23.03 -0.12 -6.82
CA ASP B 404 22.69 1.29 -6.67
C ASP B 404 23.61 2.29 -7.35
N LYS B 405 24.70 1.81 -7.91
CA LYS B 405 25.77 2.70 -8.38
C LYS B 405 25.33 3.69 -9.46
N ASN B 406 24.32 3.35 -10.28
CA ASN B 406 23.99 4.22 -11.42
C ASN B 406 22.89 5.24 -11.13
N HIS B 407 22.44 5.27 -9.88
CA HIS B 407 21.59 6.39 -9.45
C HIS B 407 22.39 7.66 -9.23
N PRO B 408 22.01 8.77 -9.89
CA PRO B 408 22.68 10.03 -9.59
C PRO B 408 22.50 10.48 -8.13
N SER B 409 21.40 10.09 -7.50
CA SER B 409 21.17 10.51 -6.13
C SER B 409 22.20 9.91 -5.16
N VAL B 410 22.74 8.74 -5.48
CA VAL B 410 23.64 8.10 -4.53
C VAL B 410 25.02 8.75 -4.61
N ILE B 411 25.40 9.50 -3.57
CA ILE B 411 26.67 10.23 -3.63
C ILE B 411 27.68 9.75 -2.60
N ALA B 412 27.32 8.76 -1.80
CA ALA B 412 28.22 8.21 -0.80
C ALA B 412 27.71 6.85 -0.32
N TRP B 413 28.66 6.02 0.13
CA TRP B 413 28.34 4.72 0.72
C TRP B 413 28.67 4.78 2.19
N SER B 414 27.72 4.37 3.04
CA SER B 414 28.01 4.20 4.44
C SER B 414 28.20 2.73 4.72
N LEU B 415 29.38 2.39 5.23
CA LEU B 415 29.75 0.98 5.32
C LEU B 415 29.64 0.42 6.73
N PHE B 416 29.22 1.27 7.67
CA PHE B 416 29.01 0.83 9.05
C PHE B 416 28.21 1.88 9.82
N ASN B 417 27.55 1.44 10.89
CA ASN B 417 26.91 2.33 11.85
C ASN B 417 27.24 1.86 13.25
N GLU B 418 28.12 2.62 13.88
CA GLU B 418 28.57 2.41 15.26
C GLU B 418 29.16 1.04 15.56
N PRO B 419 30.20 0.65 14.81
CA PRO B 419 31.00 -0.50 15.22
C PRO B 419 32.07 -0.13 16.24
N GLU B 420 32.74 -1.17 16.76
CA GLU B 420 34.00 -0.96 17.46
C GLU B 420 35.07 -0.54 16.44
N THR B 421 35.83 0.51 16.74
CA THR B 421 36.84 0.99 15.79
C THR B 421 38.20 1.24 16.40
N ILE B 422 38.34 0.95 17.69
CA ILE B 422 39.53 1.39 18.41
C ILE B 422 40.58 0.29 18.58
N THR B 423 40.43 -0.84 17.91
CA THR B 423 41.44 -1.90 17.96
C THR B 423 42.10 -2.09 16.59
N ASP B 424 43.27 -2.73 16.54
CA ASP B 424 43.92 -2.96 15.26
C ASP B 424 43.15 -4.02 14.47
N TYR B 425 42.51 -4.94 15.19
CA TYR B 425 41.65 -5.94 14.55
C TYR B 425 40.54 -5.25 13.76
N ALA B 426 39.89 -4.27 14.39
CA ALA B 426 38.81 -3.56 13.71
C ALA B 426 39.34 -2.87 12.46
N TYR B 427 40.55 -2.32 12.55
CA TYR B 427 41.13 -1.68 11.40
C TYR B 427 41.34 -2.64 10.24
N GLU B 428 41.84 -3.84 10.52
CA GLU B 428 42.08 -4.85 9.49
C GLU B 428 40.76 -5.32 8.86
N TYR B 429 39.74 -5.43 9.69
CA TYR B 429 38.40 -5.79 9.23
C TYR B 429 37.89 -4.73 8.25
N PHE B 430 37.90 -3.48 8.67
CA PHE B 430 37.34 -2.46 7.79
C PHE B 430 38.19 -2.15 6.57
N LYS B 431 39.50 -2.35 6.66
CA LYS B 431 40.31 -2.26 5.45
C LYS B 431 39.77 -3.16 4.35
N GLU B 432 39.43 -4.40 4.71
CA GLU B 432 38.89 -5.35 3.74
C GLU B 432 37.55 -4.90 3.17
N VAL B 433 36.66 -4.39 4.04
CA VAL B 433 35.36 -3.91 3.57
C VAL B 433 35.51 -2.75 2.61
N PHE B 434 36.36 -1.79 2.97
CA PHE B 434 36.55 -0.62 2.13
C PHE B 434 37.24 -1.01 0.82
N ALA B 435 38.10 -2.02 0.87
CA ALA B 435 38.79 -2.46 -0.34
C ALA B 435 37.79 -3.07 -1.33
N ALA B 436 36.85 -3.85 -0.81
CA ALA B 436 35.82 -4.45 -1.65
C ALA B 436 34.92 -3.39 -2.24
N ALA B 437 34.52 -2.42 -1.43
CA ALA B 437 33.66 -1.34 -1.89
C ALA B 437 34.34 -0.60 -3.05
N GLU B 438 35.63 -0.32 -2.90
CA GLU B 438 36.37 0.36 -3.95
C GLU B 438 36.40 -0.40 -5.27
N THR B 439 36.54 -1.71 -5.19
CA THR B 439 36.62 -2.47 -6.43
C THR B 439 35.26 -2.52 -7.11
N TYR B 440 34.17 -2.42 -6.35
CA TYR B 440 32.87 -2.52 -6.98
C TYR B 440 32.25 -1.19 -7.45
N ASP B 441 32.69 -0.06 -6.92
CA ASP B 441 32.14 1.21 -7.37
C ASP B 441 32.95 1.82 -8.51
N PHE B 442 32.40 1.70 -9.71
CA PHE B 442 32.96 2.28 -10.92
C PHE B 442 33.29 3.78 -10.78
N GLN B 443 32.52 4.50 -9.96
CA GLN B 443 32.71 5.95 -9.76
C GLN B 443 33.68 6.31 -8.63
N SER B 444 34.03 5.35 -7.81
CA SER B 444 34.89 5.62 -6.64
C SER B 444 34.39 6.81 -5.83
N ARG B 445 33.08 6.85 -5.61
CA ARG B 445 32.50 7.98 -4.86
C ARG B 445 32.74 7.82 -3.35
N PRO B 446 32.46 8.88 -2.58
CA PRO B 446 32.90 8.85 -1.18
C PRO B 446 32.38 7.67 -0.35
N MET B 447 33.26 7.10 0.47
CA MET B 447 32.93 6.08 1.40
C MET B 447 33.18 6.53 2.82
N THR B 448 32.26 6.19 3.68
CA THR B 448 32.23 6.62 5.05
C THR B 448 31.55 5.54 5.91
N GLY B 449 31.30 5.90 7.14
CA GLY B 449 30.43 5.20 8.04
C GLY B 449 30.17 6.09 9.23
N ALA B 450 29.16 5.74 10.02
CA ALA B 450 28.80 6.53 11.17
C ALA B 450 29.44 6.01 12.45
N PHE B 451 30.10 6.92 13.15
CA PHE B 451 30.85 6.60 14.37
C PHE B 451 30.07 6.97 15.60
N GLU B 452 30.05 6.07 16.56
CA GLU B 452 29.49 6.30 17.91
C GLU B 452 30.56 6.96 18.79
N LYS B 453 30.13 7.54 19.88
CA LYS B 453 31.01 8.35 20.73
C LYS B 453 32.23 7.62 21.25
N ASN B 454 32.12 6.31 21.43
CA ASN B 454 33.24 5.57 22.03
C ASN B 454 34.44 5.49 21.09
N SER B 455 34.21 5.76 19.81
CA SER B 455 35.31 5.97 18.85
C SER B 455 35.94 7.36 19.09
N LYS B 456 36.62 7.49 20.23
CA LYS B 456 37.27 8.73 20.63
C LYS B 456 38.31 9.17 19.63
N PRO B 457 38.46 10.50 19.44
CA PRO B 457 39.47 11.00 18.50
C PRO B 457 40.86 10.44 18.83
N GLU B 458 41.14 10.21 20.11
CA GLU B 458 42.44 9.69 20.54
C GLU B 458 42.57 8.16 20.37
N LEU B 459 41.45 7.45 20.21
CA LEU B 459 41.50 5.99 20.18
C LEU B 459 41.13 5.37 18.82
N CYS B 460 40.33 6.08 18.02
CA CYS B 460 39.79 5.49 16.78
C CYS B 460 40.88 5.19 15.75
N LYS B 461 40.86 3.98 15.21
CA LYS B 461 41.80 3.61 14.17
C LYS B 461 41.19 3.54 12.76
N CYS B 462 39.89 3.81 12.64
CA CYS B 462 39.24 3.60 11.35
C CYS B 462 38.86 4.87 10.59
N TYR B 463 38.79 6.01 11.27
CA TYR B 463 38.45 7.25 10.55
C TYR B 463 39.40 7.55 9.36
N PRO B 464 40.69 7.12 9.41
CA PRO B 464 41.50 7.37 8.20
C PRO B 464 41.03 6.65 6.93
N LEU B 465 40.20 5.61 7.03
CA LEU B 465 39.68 4.93 5.83
C LEU B 465 38.58 5.74 5.12
N CYS B 466 38.07 6.75 5.81
CA CYS B 466 36.87 7.46 5.34
C CYS B 466 37.17 8.68 4.50
N ASP B 467 36.42 8.85 3.41
CA ASP B 467 36.54 10.06 2.61
C ASP B 467 36.05 11.31 3.35
N PHE B 468 35.02 11.12 4.19
CA PHE B 468 34.58 12.16 5.11
C PHE B 468 34.07 11.44 6.34
N ILE B 469 33.93 12.15 7.43
CA ILE B 469 33.65 11.48 8.68
C ILE B 469 32.21 11.78 9.11
N CYS B 470 31.46 10.72 9.46
CA CYS B 470 30.10 10.85 9.98
C CYS B 470 30.05 10.55 11.46
N LEU B 471 29.47 11.45 12.24
CA LEU B 471 29.35 11.29 13.69
C LEU B 471 27.88 11.18 14.09
N ASN B 472 27.60 10.18 14.90
CA ASN B 472 26.32 10.10 15.62
C ASN B 472 26.56 10.65 17.04
N ARG B 473 25.89 11.74 17.42
CA ARG B 473 26.12 12.26 18.78
C ARG B 473 24.82 12.68 19.45
N TYR B 474 24.77 12.44 20.75
CA TYR B 474 23.58 12.69 21.57
C TYR B 474 23.92 13.47 22.85
N TYR B 475 24.80 14.46 22.69
CA TYR B 475 25.06 15.44 23.75
C TYR B 475 23.78 16.23 23.97
N GLY B 476 23.19 16.08 25.16
CA GLY B 476 21.92 16.71 25.45
C GLY B 476 20.78 15.71 25.49
N TRP B 477 21.07 14.45 25.16
CA TRP B 477 20.06 13.40 25.33
C TRP B 477 20.62 12.26 26.17
N TYR B 478 21.49 11.44 25.61
CA TYR B 478 22.07 10.34 26.39
C TYR B 478 23.19 10.82 27.33
N ILE B 479 23.79 11.96 26.99
CA ILE B 479 24.86 12.58 27.78
C ILE B 479 24.40 13.95 28.26
N SER B 480 24.35 14.13 29.58
CA SER B 480 24.06 15.44 30.17
C SER B 480 22.79 16.08 29.60
N GLY B 481 21.71 15.32 29.61
CA GLY B 481 20.44 15.87 29.14
C GLY B 481 19.73 16.76 30.14
N GLY B 482 18.76 17.51 29.64
CA GLY B 482 17.82 18.22 30.51
C GLY B 482 18.50 19.32 31.31
N PRO B 483 18.44 19.26 32.63
CA PRO B 483 19.06 20.33 33.43
C PRO B 483 20.55 20.48 33.20
N GLU B 484 21.17 19.44 32.64
CA GLU B 484 22.62 19.48 32.37
C GLU B 484 22.96 19.85 30.94
N ILE B 485 22.01 20.37 30.17
CA ILE B 485 22.27 20.65 28.75
C ILE B 485 23.40 21.66 28.53
N GLU B 486 23.65 22.59 29.46
CA GLU B 486 24.79 23.50 29.26
C GLU B 486 26.09 22.73 29.42
N GLU B 487 26.10 21.73 30.29
CA GLU B 487 27.28 20.85 30.42
C GLU B 487 27.42 20.01 29.14
N ALA B 488 26.30 19.59 28.58
CA ALA B 488 26.34 18.81 27.35
C ALA B 488 26.98 19.60 26.22
N GLU B 489 26.67 20.89 26.14
CA GLU B 489 27.20 21.72 25.08
C GLU B 489 28.73 21.86 25.26
N GLU B 490 29.15 22.06 26.50
CA GLU B 490 30.59 22.17 26.73
C GLU B 490 31.30 20.85 26.40
N LEU B 491 30.71 19.72 26.77
CA LEU B 491 31.33 18.43 26.44
C LEU B 491 31.43 18.28 24.92
N PHE B 492 30.40 18.74 24.22
CA PHE B 492 30.35 18.61 22.77
C PHE B 492 31.47 19.44 22.13
N ARG B 493 31.57 20.70 22.55
CA ARG B 493 32.61 21.58 22.04
C ARG B 493 33.99 21.06 22.40
N ASP B 494 34.12 20.41 23.55
CA ASP B 494 35.42 19.87 23.93
C ASP B 494 35.81 18.79 22.94
N GLU B 495 34.86 17.91 22.58
CA GLU B 495 35.17 16.86 21.63
C GLU B 495 35.49 17.43 20.26
N MET B 496 34.69 18.38 19.79
CA MET B 496 34.91 18.95 18.47
C MET B 496 36.23 19.71 18.42
N ASP B 497 36.61 20.33 19.54
CA ASP B 497 37.93 20.96 19.63
C ASP B 497 39.04 19.93 19.45
N ARG B 498 38.83 18.72 19.97
CA ARG B 498 39.84 17.69 19.83
C ARG B 498 39.91 17.23 18.39
N TRP B 499 38.77 17.06 17.72
CA TRP B 499 38.80 16.76 16.30
C TRP B 499 39.47 17.87 15.50
N LYS B 500 39.17 19.11 15.85
CA LYS B 500 39.72 20.28 15.14
C LYS B 500 41.25 20.27 15.21
N ALA B 501 41.75 19.93 16.39
CA ALA B 501 43.20 19.97 16.66
C ALA B 501 43.95 18.91 15.91
N LYS B 502 43.26 17.88 15.45
CA LYS B 502 43.94 16.85 14.67
C LYS B 502 44.16 17.31 13.22
N GLU B 503 43.48 18.39 12.83
CA GLU B 503 43.65 18.99 11.50
C GLU B 503 43.61 17.96 10.37
N LEU B 504 42.53 17.19 10.29
CA LEU B 504 42.45 16.07 9.35
C LEU B 504 42.18 16.55 7.94
N ASN B 505 41.69 17.79 7.84
CA ASN B 505 41.32 18.36 6.56
C ASN B 505 40.32 17.46 5.81
N VAL B 506 39.28 16.99 6.52
CA VAL B 506 38.19 16.25 5.87
C VAL B 506 36.88 16.83 6.37
N PRO B 507 35.80 16.67 5.58
CA PRO B 507 34.51 17.17 6.07
C PRO B 507 33.99 16.23 7.13
N PHE B 508 33.26 16.82 8.08
CA PHE B 508 32.49 16.10 9.10
C PHE B 508 31.00 16.31 8.82
N VAL B 509 30.23 15.23 8.92
CA VAL B 509 28.79 15.31 8.77
C VAL B 509 28.19 14.67 10.00
N PHE B 510 27.23 15.35 10.65
CA PHE B 510 26.53 14.69 11.75
C PHE B 510 25.39 13.88 11.17
N THR B 511 25.45 12.57 11.34
CA THR B 511 24.47 11.67 10.75
C THR B 511 23.39 11.31 11.76
N GLU B 512 23.61 11.63 13.03
CA GLU B 512 22.54 11.45 14.04
C GLU B 512 22.72 12.46 15.16
N PHE B 513 21.58 13.00 15.58
CA PHE B 513 21.41 13.84 16.77
C PHE B 513 19.89 13.98 16.90
N GLY B 514 19.38 13.91 18.12
CA GLY B 514 17.94 13.95 18.31
C GLY B 514 17.55 13.67 19.75
N THR B 515 16.27 13.89 20.06
CA THR B 515 15.71 13.61 21.40
C THR B 515 14.39 12.86 21.25
N ASP B 516 14.10 11.88 22.10
CA ASP B 516 12.76 11.33 22.01
C ASP B 516 11.79 12.41 22.39
N THR B 517 10.70 12.50 21.62
CA THR B 517 9.76 13.59 21.76
C THR B 517 8.36 13.06 21.59
N MET B 518 7.55 13.11 22.65
CA MET B 518 6.16 12.68 22.50
C MET B 518 5.31 13.81 21.96
N ALA B 519 4.70 13.59 20.78
CA ALA B 519 3.77 14.58 20.27
C ALA B 519 2.74 14.95 21.31
N GLY B 520 2.60 16.26 21.54
CA GLY B 520 1.61 16.73 22.50
C GLY B 520 2.09 16.94 23.91
N LEU B 521 3.30 16.44 24.20
CA LEU B 521 3.87 16.65 25.53
C LEU B 521 4.52 18.03 25.54
N HIS B 522 3.86 18.98 26.21
CA HIS B 522 4.33 20.36 26.28
C HIS B 522 4.74 20.69 27.69
N LYS B 523 5.84 21.41 27.88
CA LYS B 523 6.21 21.84 29.22
C LYS B 523 7.01 23.13 29.16
N LEU B 524 6.73 24.01 30.11
CA LEU B 524 7.40 25.31 30.29
C LEU B 524 7.80 25.43 31.76
N PRO B 525 9.11 25.40 32.06
CA PRO B 525 10.23 25.18 31.15
C PRO B 525 10.25 23.76 30.62
N SER B 526 10.97 23.55 29.53
CA SER B 526 10.96 22.25 28.87
C SER B 526 11.52 21.12 29.72
N ILE B 527 11.08 19.90 29.40
CA ILE B 527 11.67 18.69 29.96
C ILE B 527 12.07 17.76 28.83
N MET B 528 13.06 16.90 29.11
CA MET B 528 13.32 15.78 28.22
C MET B 528 12.00 15.08 27.91
N TRP B 529 11.76 14.80 26.61
CA TRP B 529 10.57 14.16 26.01
C TRP B 529 9.53 15.16 25.53
N SER B 530 9.66 16.43 25.92
CA SER B 530 8.68 17.44 25.43
C SER B 530 9.05 17.98 24.06
N GLU B 531 8.05 18.54 23.38
CA GLU B 531 8.29 19.17 22.08
C GLU B 531 9.22 20.37 22.20
N GLU B 532 9.14 21.08 23.33
CA GLU B 532 9.95 22.27 23.50
C GLU B 532 11.41 21.90 23.70
N TYR B 533 11.66 20.78 24.37
CA TYR B 533 13.06 20.37 24.59
C TYR B 533 13.68 19.94 23.28
N GLN B 534 12.89 19.31 22.41
CA GLN B 534 13.42 18.92 21.10
C GLN B 534 13.90 20.17 20.36
N LYS B 535 13.11 21.24 20.41
CA LYS B 535 13.54 22.50 19.81
C LYS B 535 14.85 23.04 20.44
N GLU B 536 14.90 23.10 21.76
CA GLU B 536 16.06 23.66 22.46
C GLU B 536 17.33 22.84 22.23
N TYR B 537 17.17 21.52 22.22
CA TYR B 537 18.28 20.61 21.92
C TYR B 537 18.81 20.85 20.53
N LEU B 538 17.92 21.01 19.56
CA LEU B 538 18.36 21.23 18.18
C LEU B 538 19.09 22.56 18.10
N GLU B 539 18.57 23.58 18.76
CA GLU B 539 19.22 24.89 18.70
C GLU B 539 20.62 24.82 19.30
N MET B 540 20.78 24.07 20.39
CA MET B 540 22.11 23.93 21.01
C MET B 540 23.05 23.24 20.02
N ASN B 541 22.57 22.15 19.43
CA ASN B 541 23.41 21.41 18.49
C ASN B 541 23.82 22.29 17.32
N PHE B 542 22.90 23.11 16.79
CA PHE B 542 23.26 23.98 15.66
C PHE B 542 24.36 24.96 16.04
N ARG B 543 24.30 25.48 17.27
CA ARG B 543 25.30 26.43 17.73
C ARG B 543 26.68 25.78 17.71
N VAL B 544 26.75 24.52 18.10
CA VAL B 544 28.01 23.78 18.08
C VAL B 544 28.43 23.50 16.63
N PHE B 545 27.52 22.98 15.80
CA PHE B 545 27.87 22.70 14.39
C PHE B 545 28.50 23.92 13.72
N ASP B 546 27.86 25.06 13.95
CA ASP B 546 28.17 26.28 13.23
C ASP B 546 29.48 26.90 13.72
N SER B 547 30.05 26.31 14.76
CA SER B 547 31.32 26.81 15.32
C SER B 547 32.56 26.19 14.68
N TYR B 548 32.37 25.24 13.77
CA TYR B 548 33.50 24.51 13.16
C TYR B 548 33.40 24.53 11.65
N GLU B 549 34.44 25.05 11.00
CA GLU B 549 34.42 25.23 9.57
C GLU B 549 34.25 23.90 8.83
N PHE B 550 34.77 22.82 9.39
CA PHE B 550 34.84 21.54 8.68
C PHE B 550 33.54 20.74 8.77
N VAL B 551 32.57 21.26 9.51
CA VAL B 551 31.26 20.59 9.54
C VAL B 551 30.52 20.94 8.25
N GLN B 552 30.08 19.93 7.52
CA GLN B 552 29.60 20.14 6.18
C GLN B 552 28.24 19.45 5.95
N GLY B 553 27.62 19.01 7.02
CA GLY B 553 26.30 18.41 6.87
C GLY B 553 25.69 18.07 8.21
N GLU B 554 24.37 18.05 8.23
CA GLU B 554 23.59 17.68 9.40
C GLU B 554 22.37 16.86 8.97
N LEU B 555 22.32 15.59 9.38
CA LEU B 555 21.19 14.71 9.10
C LEU B 555 20.63 14.32 10.45
N ALA B 556 19.44 14.82 10.74
CA ALA B 556 18.84 14.62 12.06
C ALA B 556 18.35 13.19 12.22
N TRP B 557 18.40 12.70 13.46
CA TRP B 557 17.79 11.42 13.79
C TRP B 557 16.48 11.68 14.51
N ASN B 558 15.31 11.28 14.00
CA ASN B 558 15.05 10.60 12.72
C ASN B 558 14.02 11.46 11.96
N PHE B 559 13.86 11.22 10.68
CA PHE B 559 12.77 11.81 9.95
C PHE B 559 11.42 11.57 10.66
N ALA B 560 11.17 10.33 11.06
CA ALA B 560 9.87 10.02 11.65
C ALA B 560 9.98 8.98 12.74
N ASP B 561 9.09 9.06 13.74
CA ASP B 561 8.99 8.03 14.78
C ASP B 561 8.87 6.65 14.13
N PHE B 562 9.51 5.64 14.70
CA PHE B 562 9.55 4.34 14.02
C PHE B 562 9.58 3.21 15.04
N GLN B 563 9.24 2.01 14.59
CA GLN B 563 9.09 0.89 15.52
C GLN B 563 10.42 0.30 15.99
N THR B 564 10.45 -0.05 17.28
CA THR B 564 11.62 -0.75 17.85
C THR B 564 11.13 -1.95 18.62
N THR B 565 12.07 -2.79 19.04
CA THR B 565 11.84 -3.77 20.13
C THR B 565 11.21 -3.08 21.35
N GLU B 566 10.24 -3.75 21.97
CA GLU B 566 9.69 -3.29 23.25
C GLU B 566 10.75 -3.19 24.32
N GLY B 567 10.57 -2.23 25.22
CA GLY B 567 11.41 -2.21 26.41
C GLY B 567 11.13 -0.96 27.23
N ILE B 568 11.85 -0.84 28.34
CA ILE B 568 11.60 0.26 29.27
C ILE B 568 12.13 1.59 28.74
N MET B 569 12.85 1.57 27.62
CA MET B 569 13.39 2.84 27.12
C MET B 569 12.74 3.30 25.82
N ARG B 570 11.75 2.55 25.38
CA ARG B 570 11.08 2.83 24.13
C ARG B 570 9.56 2.86 24.32
N VAL B 571 8.95 4.02 24.16
CA VAL B 571 7.52 4.20 24.40
C VAL B 571 6.80 4.05 23.07
N ASP B 572 6.47 2.82 22.69
CA ASP B 572 5.93 2.52 21.35
C ASP B 572 6.92 2.97 20.29
N GLY B 573 8.08 2.31 20.34
CA GLY B 573 9.14 2.57 19.40
C GLY B 573 9.96 3.78 19.78
N ASN B 574 10.68 4.30 18.78
CA ASN B 574 11.60 5.41 18.94
C ASN B 574 10.91 6.71 18.56
N HIS B 575 10.92 7.69 19.47
CA HIS B 575 10.19 8.94 19.24
C HIS B 575 11.12 10.09 18.95
N LYS B 576 12.29 9.80 18.41
CA LYS B 576 13.16 10.89 17.97
C LYS B 576 12.76 11.46 16.61
N GLY B 577 11.62 11.03 16.06
CA GLY B 577 11.18 11.65 14.82
C GLY B 577 10.92 13.15 14.94
N VAL B 578 11.16 13.84 13.83
CA VAL B 578 10.79 15.22 13.68
C VAL B 578 9.33 15.24 13.23
N PHE B 579 8.94 14.17 12.51
CA PHE B 579 7.56 13.87 12.20
C PHE B 579 7.06 12.70 13.00
N THR B 580 5.74 12.63 13.18
CA THR B 580 5.15 11.43 13.76
C THR B 580 5.18 10.28 12.77
N ARG B 581 4.82 9.08 13.25
CA ARG B 581 4.87 7.92 12.37
C ARG B 581 3.87 8.04 11.21
N ASP B 582 2.74 8.71 11.45
CA ASP B 582 1.83 9.00 10.36
C ASP B 582 2.16 10.30 9.59
N ARG B 583 3.41 10.77 9.74
CA ARG B 583 4.04 11.75 8.85
C ARG B 583 3.46 13.16 9.04
N GLN B 584 3.30 13.56 10.31
CA GLN B 584 2.86 14.94 10.64
C GLN B 584 3.90 15.63 11.51
N PRO B 585 4.07 16.95 11.36
CA PRO B 585 5.21 17.60 11.99
C PRO B 585 5.04 17.91 13.47
N LYS B 586 6.05 17.56 14.26
CA LYS B 586 6.16 18.12 15.63
C LYS B 586 6.66 19.55 15.55
N ALA B 587 6.72 20.25 16.68
CA ALA B 587 7.17 21.65 16.67
C ALA B 587 8.55 21.83 16.06
N ALA B 588 9.46 20.87 16.29
CA ALA B 588 10.84 20.99 15.80
C ALA B 588 10.93 20.98 14.26
N ALA B 589 9.90 20.49 13.58
CA ALA B 589 9.99 20.42 12.12
C ALA B 589 10.13 21.81 11.53
N VAL B 590 9.46 22.80 12.11
CA VAL B 590 9.56 24.18 11.63
C VAL B 590 10.96 24.76 11.87
N VAL B 591 11.59 24.33 12.97
CA VAL B 591 12.95 24.79 13.27
C VAL B 591 13.87 24.40 12.11
N PHE B 592 13.78 23.15 11.66
CA PHE B 592 14.58 22.72 10.51
C PHE B 592 14.21 23.49 9.25
N LYS B 593 12.92 23.61 8.98
CA LYS B 593 12.44 24.31 7.80
C LYS B 593 13.04 25.72 7.71
N ASP B 594 13.02 26.43 8.83
CA ASP B 594 13.50 27.81 8.83
C ASP B 594 15.01 27.87 8.67
N ARG B 595 15.71 26.94 9.32
CA ARG B 595 17.16 26.95 9.24
C ARG B 595 17.67 26.56 7.84
N TRP B 596 17.01 25.57 7.22
CA TRP B 596 17.50 25.03 5.96
C TRP B 596 17.06 25.86 4.74
N GLU B 597 16.11 26.76 4.96
CA GLU B 597 15.69 27.69 3.92
C GLU B 597 16.89 28.54 3.49
#